data_4KAS
#
_entry.id   4KAS
#
_cell.length_a   54.370
_cell.length_b   116.670
_cell.length_c   141.420
_cell.angle_alpha   90.00
_cell.angle_beta   90.00
_cell.angle_gamma   90.00
#
_symmetry.space_group_name_H-M   'P 21 21 21'
#
loop_
_entity.id
_entity.type
_entity.pdbx_description
1 polymer 'Thymidylate synthase ThyX'
2 non-polymer "2'-DEOXYURIDINE-5'-MONOPHOSPHATE"
3 non-polymer 'SULFATE ION'
4 non-polymer 'FLAVIN-ADENINE DINUCLEOTIDE'
5 non-polymer 'CHLORIDE ION'
6 non-polymer 'PHOSPHATE ION'
7 non-polymer 'NONAETHYLENE GLYCOL'
8 water water
#
_entity_poly.entity_id   1
_entity_poly.type   'polypeptide(L)'
_entity_poly.pdbx_seq_one_letter_code
;MGSDKIHHHHHHMKIDILDKGFVELVDVMGNDLSAVRAARVSFDMGLKDEERDRHLIEYLMKHGDETPFEHIVFTFHVKA
PIFVARQWFRHRIASYNELSGRYSKLSYEFYIPSPERLEGYKTTIPPERVTEKISEIVDKAYRTYLELIESGVPREVARI
VLPLNLYTRFFWTVNARSLMNFLNLRADSHAQWEIQQYALAIARIFKEKCPWTFEAFLKYAYKGDILKEVQV
;
_entity_poly.pdbx_strand_id   A,B,C,D
#
# COMPACT_ATOMS: atom_id res chain seq x y z
N HIS A 11 10.01 15.14 22.04
CA HIS A 11 8.66 14.46 22.03
C HIS A 11 8.66 13.19 22.86
N HIS A 12 8.08 13.22 24.06
CA HIS A 12 8.03 11.99 24.85
C HIS A 12 6.87 11.85 25.84
N MET A 13 6.25 10.68 25.76
CA MET A 13 5.09 10.36 26.57
C MET A 13 5.09 8.85 26.74
N LYS A 14 4.67 8.39 27.89
CA LYS A 14 4.58 6.98 28.15
C LYS A 14 3.35 6.74 28.98
N ILE A 15 2.51 5.82 28.53
CA ILE A 15 1.33 5.41 29.25
C ILE A 15 1.46 3.91 29.56
N ASP A 16 1.31 3.55 30.84
CA ASP A 16 1.36 2.12 31.24
C ASP A 16 -0.02 1.48 30.99
N ILE A 17 -0.02 0.25 30.52
CA ILE A 17 -1.25 -0.43 30.09
C ILE A 17 -1.17 -1.85 30.62
N LEU A 18 -2.30 -2.38 31.05
CA LEU A 18 -2.36 -3.73 31.64
C LEU A 18 -1.36 -3.82 32.80
N ASP A 19 -0.78 -4.99 33.07
CA ASP A 19 0.07 -5.10 34.26
C ASP A 19 1.51 -4.75 34.00
N LYS A 20 2.01 -5.08 32.83
CA LYS A 20 3.39 -4.81 32.48
C LYS A 20 3.57 -4.08 31.15
N GLY A 21 2.49 -3.63 30.53
CA GLY A 21 2.60 -3.09 29.17
C GLY A 21 2.71 -1.58 29.15
N PHE A 22 2.93 -1.04 27.98
CA PHE A 22 3.04 0.40 27.80
C PHE A 22 2.95 0.77 26.35
N VAL A 23 2.64 2.04 26.13
CA VAL A 23 2.70 2.71 24.87
C VAL A 23 3.51 3.99 25.12
N GLU A 24 4.63 4.12 24.41
CA GLU A 24 5.54 5.23 24.54
C GLU A 24 5.68 5.96 23.23
N LEU A 25 5.56 7.27 23.24
CA LEU A 25 5.80 8.07 22.06
C LEU A 25 7.34 8.27 21.90
N VAL A 26 7.88 7.81 20.79
CA VAL A 26 9.33 7.97 20.46
C VAL A 26 9.62 9.23 19.64
N ASP A 27 8.78 9.54 18.66
CA ASP A 27 9.00 10.72 17.87
C ASP A 27 7.71 11.11 17.19
N VAL A 28 7.71 12.31 16.64
CA VAL A 28 6.56 12.81 15.87
C VAL A 28 7.06 13.74 14.79
N MET A 29 6.51 13.66 13.59
CA MET A 29 6.75 14.66 12.57
C MET A 29 5.50 15.47 12.40
N GLY A 30 5.62 16.75 12.58
CA GLY A 30 4.58 17.67 12.22
C GLY A 30 3.58 17.82 13.35
N ASN A 31 2.50 18.51 13.02
CA ASN A 31 1.49 18.93 14.02
C ASN A 31 0.25 19.27 13.23
N ASP A 32 -0.78 19.82 13.85
CA ASP A 32 -1.99 20.13 13.09
C ASP A 32 -1.73 20.96 11.85
N LEU A 33 -0.80 21.89 11.93
CA LEU A 33 -0.57 22.80 10.86
C LEU A 33 0.11 22.11 9.67
N SER A 34 0.70 20.95 9.92
CA SER A 34 1.28 20.18 8.80
C SER A 34 0.20 19.72 7.82
N ALA A 35 -1.01 19.44 8.33
CA ALA A 35 -2.19 19.11 7.48
C ALA A 35 -2.73 20.32 6.76
N VAL A 36 -2.77 21.46 7.44
CA VAL A 36 -3.18 22.74 6.85
C VAL A 36 -2.31 23.11 5.66
N ARG A 37 -0.98 23.01 5.85
CA ARG A 37 0.04 23.33 4.84
C ARG A 37 -0.09 22.40 3.61
N ALA A 38 -0.30 21.11 3.83
CA ALA A 38 -0.47 20.14 2.75
C ALA A 38 -1.73 20.39 1.96
N ALA A 39 -2.83 20.60 2.68
CA ALA A 39 -4.08 20.95 2.08
C ALA A 39 -4.00 22.27 1.24
N ARG A 40 -3.37 23.28 1.79
CA ARG A 40 -3.36 24.62 1.16
C ARG A 40 -2.73 24.66 -0.22
N VAL A 41 -1.71 23.84 -0.41
CA VAL A 41 -1.15 23.62 -1.73
C VAL A 41 -2.25 23.48 -2.85
N SER A 42 -3.39 22.83 -2.57
CA SER A 42 -4.51 22.64 -3.55
C SER A 42 -5.15 23.88 -4.14
N PHE A 43 -5.35 24.87 -3.28
CA PHE A 43 -5.92 26.17 -3.63
C PHE A 43 -4.79 27.15 -3.95
N ASP A 44 -3.56 26.61 -4.00
CA ASP A 44 -2.35 27.40 -4.26
C ASP A 44 -2.04 28.29 -3.05
N ASP A 49 -3.43 32.32 9.57
CA ASP A 49 -4.57 32.77 10.35
C ASP A 49 -5.10 31.61 11.18
N GLU A 50 -4.99 31.73 12.50
CA GLU A 50 -5.37 30.66 13.41
C GLU A 50 -6.82 30.18 13.29
N GLU A 51 -7.76 31.12 13.30
CA GLU A 51 -9.17 30.77 13.23
C GLU A 51 -9.52 30.03 11.91
N ARG A 52 -8.98 30.52 10.79
CA ARG A 52 -9.22 29.92 9.47
C ARG A 52 -8.46 28.58 9.33
N ASP A 53 -7.36 28.42 10.03
CA ASP A 53 -6.60 27.15 9.97
C ASP A 53 -7.33 26.08 10.74
N ARG A 54 -7.89 26.43 11.91
CA ARG A 54 -8.69 25.50 12.68
C ARG A 54 -9.92 25.08 11.87
N HIS A 55 -10.53 26.07 11.25
CA HIS A 55 -11.70 25.86 10.41
C HIS A 55 -11.40 24.95 9.23
N LEU A 56 -10.24 25.11 8.59
CA LEU A 56 -9.91 24.21 7.48
C LEU A 56 -9.77 22.77 7.96
N ILE A 57 -9.13 22.56 9.10
CA ILE A 57 -9.05 21.20 9.62
C ILE A 57 -10.44 20.57 9.81
N GLU A 58 -11.32 21.33 10.44
CA GLU A 58 -12.69 20.86 10.64
C GLU A 58 -13.35 20.57 9.27
N TYR A 59 -13.14 21.45 8.29
CA TYR A 59 -13.62 21.26 6.89
C TYR A 59 -13.17 19.95 6.20
N LEU A 60 -11.87 19.66 6.27
CA LEU A 60 -11.30 18.44 5.69
C LEU A 60 -11.96 17.21 6.29
N MET A 61 -12.02 17.17 7.62
CA MET A 61 -12.56 16.03 8.33
C MET A 61 -14.03 15.82 7.90
N LYS A 62 -14.85 16.86 8.04
CA LYS A 62 -16.28 16.77 7.64
C LYS A 62 -16.50 16.19 6.25
N HIS A 63 -15.68 16.62 5.30
CA HIS A 63 -15.89 16.23 3.89
C HIS A 63 -15.10 14.99 3.52
N GLY A 64 -14.45 14.40 4.51
CA GLY A 64 -13.81 13.12 4.33
C GLY A 64 -12.53 13.25 3.53
N ASP A 65 -11.97 14.47 3.43
CA ASP A 65 -10.66 14.64 2.82
C ASP A 65 -9.49 14.44 3.84
N GLU A 66 -9.10 13.20 3.94
CA GLU A 66 -8.19 12.74 4.93
C GLU A 66 -6.74 12.74 4.44
N THR A 67 -6.48 12.96 3.14
CA THR A 67 -5.07 12.91 2.67
C THR A 67 -4.12 13.90 3.38
N PRO A 68 -4.59 15.11 3.72
CA PRO A 68 -3.67 16.03 4.40
C PRO A 68 -3.12 15.56 5.74
N PHE A 69 -3.84 14.70 6.41
CA PHE A 69 -3.39 14.18 7.68
C PHE A 69 -2.33 13.10 7.55
N GLU A 70 -2.13 12.59 6.34
CA GLU A 70 -1.07 11.65 6.15
C GLU A 70 0.32 12.28 6.38
N HIS A 71 0.39 13.61 6.35
CA HIS A 71 1.62 14.35 6.51
C HIS A 71 2.04 14.54 7.98
N ILE A 72 1.28 14.01 8.91
CA ILE A 72 1.61 14.01 10.30
C ILE A 72 1.97 12.54 10.61
N VAL A 73 3.13 12.31 11.22
CA VAL A 73 3.59 10.96 11.41
C VAL A 73 4.08 10.75 12.84
N PHE A 74 3.83 9.56 13.41
CA PHE A 74 4.23 9.21 14.75
C PHE A 74 5.08 7.98 14.74
N THR A 75 6.01 7.89 15.68
CA THR A 75 6.62 6.62 16.06
C THR A 75 6.36 6.29 17.51
N PHE A 76 5.74 5.14 17.74
CA PHE A 76 5.52 4.59 19.04
C PHE A 76 6.36 3.36 19.30
N HIS A 77 6.58 3.12 20.59
CA HIS A 77 7.26 1.98 21.14
C HIS A 77 6.25 1.36 22.08
N VAL A 78 5.90 0.12 21.83
CA VAL A 78 4.79 -0.53 22.49
C VAL A 78 5.24 -1.87 23.07
N LYS A 79 4.80 -2.13 24.28
CA LYS A 79 4.94 -3.41 24.97
C LYS A 79 3.57 -3.98 25.22
N ALA A 80 3.27 -5.11 24.58
CA ALA A 80 1.90 -5.66 24.58
C ALA A 80 1.92 -7.16 24.50
N PRO A 81 0.87 -7.81 24.99
CA PRO A 81 0.86 -9.29 24.82
C PRO A 81 0.72 -9.68 23.34
N ILE A 82 1.23 -10.85 22.97
CA ILE A 82 1.14 -11.30 21.59
C ILE A 82 -0.27 -11.27 21.01
N PHE A 83 -1.28 -11.72 21.75
CA PHE A 83 -2.64 -11.66 21.22
C PHE A 83 -3.12 -10.25 20.84
N VAL A 84 -2.65 -9.23 21.58
CA VAL A 84 -2.85 -7.84 21.25
C VAL A 84 -2.05 -7.43 20.05
N ALA A 85 -0.76 -7.70 20.08
CA ALA A 85 0.08 -7.35 18.96
C ALA A 85 -0.41 -7.96 17.67
N ARG A 86 -0.91 -9.21 17.69
CA ARG A 86 -1.35 -9.83 16.45
C ARG A 86 -2.47 -9.12 15.80
N GLN A 87 -3.45 -8.73 16.61
CA GLN A 87 -4.58 -7.93 16.13
C GLN A 87 -4.09 -6.58 15.54
N TRP A 88 -3.22 -5.91 16.29
CA TRP A 88 -2.64 -4.63 15.93
C TRP A 88 -1.91 -4.64 14.57
N PHE A 89 -1.09 -5.67 14.33
CA PHE A 89 -0.29 -5.82 13.09
C PHE A 89 -1.13 -6.11 11.86
N ARG A 90 -2.45 -6.28 12.04
CA ARG A 90 -3.36 -6.35 10.91
C ARG A 90 -3.50 -5.02 10.20
N HIS A 91 -3.12 -3.93 10.89
N HIS A 91 -3.14 -3.93 10.87
CA HIS A 91 -3.10 -2.59 10.30
CA HIS A 91 -3.14 -2.60 10.27
C HIS A 91 -1.93 -2.47 9.35
C HIS A 91 -1.95 -2.45 9.34
N ARG A 92 -2.19 -2.58 8.05
CA ARG A 92 -1.13 -2.75 7.05
C ARG A 92 -0.43 -1.45 6.65
N ILE A 93 -1.15 -0.35 6.79
CA ILE A 93 -0.61 0.95 6.36
C ILE A 93 0.18 1.60 7.54
N ALA A 94 1.34 1.01 7.81
CA ALA A 94 2.21 1.34 8.89
C ALA A 94 3.47 0.48 8.79
N SER A 95 4.43 0.84 9.62
CA SER A 95 5.80 0.19 9.65
C SER A 95 6.04 -0.36 11.04
N TYR A 96 6.49 -1.61 11.13
CA TYR A 96 6.72 -2.33 12.37
C TYR A 96 8.14 -2.87 12.44
N ASN A 97 8.72 -2.84 13.63
CA ASN A 97 9.84 -3.68 13.97
C ASN A 97 9.60 -4.31 15.32
N GLU A 98 9.71 -5.64 15.43
CA GLU A 98 9.31 -6.35 16.66
C GLU A 98 10.40 -7.23 17.23
N LEU A 99 10.47 -7.26 18.55
CA LEU A 99 11.28 -8.25 19.30
C LEU A 99 11.15 -9.67 18.72
N SER A 100 12.27 -10.33 18.48
CA SER A 100 12.27 -11.69 17.85
C SER A 100 12.50 -12.86 18.80
N GLY A 101 11.54 -13.78 18.78
CA GLY A 101 11.63 -15.03 19.50
C GLY A 101 12.59 -16.03 18.82
N ARG A 102 12.89 -15.83 17.53
CA ARG A 102 13.90 -16.64 16.85
C ARG A 102 15.30 -16.30 17.34
N TYR A 103 15.56 -15.02 17.59
CA TYR A 103 16.92 -14.51 17.86
C TYR A 103 17.17 -14.19 19.33
N SER A 104 16.13 -13.90 20.10
CA SER A 104 16.29 -13.48 21.50
C SER A 104 15.77 -14.53 22.48
N LYS A 105 16.45 -14.65 23.61
CA LYS A 105 15.87 -15.35 24.77
C LYS A 105 14.72 -14.53 25.34
N LEU A 106 13.53 -15.10 25.37
CA LEU A 106 12.34 -14.34 25.78
C LEU A 106 12.24 -14.25 27.33
N SER A 107 11.90 -13.06 27.82
CA SER A 107 11.76 -12.76 29.26
C SER A 107 10.47 -13.29 29.85
N TYR A 108 10.53 -13.62 31.13
CA TYR A 108 9.39 -14.15 31.88
C TYR A 108 8.51 -12.94 32.13
N GLU A 109 7.72 -12.59 31.12
CA GLU A 109 6.74 -11.52 31.28
C GLU A 109 5.47 -11.83 30.50
N PHE A 110 4.37 -11.97 31.25
CA PHE A 110 3.12 -12.43 30.70
C PHE A 110 2.05 -11.56 31.28
N TYR A 111 1.02 -11.35 30.49
CA TYR A 111 -0.16 -10.62 30.95
C TYR A 111 -1.03 -11.55 31.74
N ILE A 112 -1.18 -11.27 33.02
CA ILE A 112 -2.04 -12.00 33.91
C ILE A 112 -3.23 -11.07 34.21
N PRO A 113 -4.40 -11.39 33.69
CA PRO A 113 -5.49 -10.49 33.98
C PRO A 113 -5.77 -10.36 35.49
N SER A 114 -6.14 -9.17 35.89
CA SER A 114 -6.63 -8.96 37.24
C SER A 114 -8.00 -9.64 37.47
N PRO A 115 -8.29 -10.02 38.72
CA PRO A 115 -9.66 -10.46 39.03
C PRO A 115 -10.79 -9.53 38.54
N GLU A 116 -10.59 -8.22 38.59
CA GLU A 116 -11.65 -7.27 38.17
C GLU A 116 -12.00 -7.42 36.67
N ARG A 117 -11.09 -7.99 35.88
CA ARG A 117 -11.36 -8.26 34.46
C ARG A 117 -12.54 -9.21 34.19
N LEU A 118 -12.93 -10.03 35.15
CA LEU A 118 -14.05 -10.98 35.00
C LEU A 118 -15.40 -10.53 35.57
N GLU A 119 -15.46 -9.37 36.23
CA GLU A 119 -16.73 -8.92 36.79
C GLU A 119 -17.75 -8.73 35.68
N GLY A 120 -18.99 -9.10 35.95
CA GLY A 120 -20.04 -9.14 34.93
C GLY A 120 -20.25 -10.58 34.52
N TYR A 121 -19.14 -11.32 34.41
CA TYR A 121 -19.16 -12.73 34.14
C TYR A 121 -19.31 -13.41 35.46
N LYS A 122 -20.13 -14.45 35.46
CA LYS A 122 -20.40 -15.19 36.67
C LYS A 122 -19.63 -16.50 36.58
N THR A 123 -18.39 -16.49 37.07
CA THR A 123 -17.53 -17.63 36.97
C THR A 123 -17.83 -18.61 38.13
N THR A 124 -17.87 -19.90 37.82
CA THR A 124 -18.08 -20.93 38.84
C THR A 124 -16.87 -21.12 39.76
N ILE A 125 -15.74 -20.51 39.43
CA ILE A 125 -14.70 -20.34 40.44
C ILE A 125 -14.40 -18.85 40.62
N PRO A 126 -13.92 -18.47 41.83
CA PRO A 126 -13.67 -17.06 42.08
C PRO A 126 -12.67 -16.49 41.08
N PRO A 127 -12.86 -15.23 40.70
CA PRO A 127 -11.95 -14.55 39.81
C PRO A 127 -10.47 -14.71 40.20
N GLU A 128 -10.17 -14.64 41.49
CA GLU A 128 -8.78 -14.78 42.00
C GLU A 128 -8.20 -16.14 41.61
N ARG A 129 -9.04 -17.17 41.62
CA ARG A 129 -8.57 -18.49 41.18
C ARG A 129 -8.36 -18.59 39.66
N VAL A 130 -9.17 -17.88 38.89
CA VAL A 130 -8.92 -17.80 37.44
C VAL A 130 -7.56 -17.21 37.17
N THR A 131 -7.33 -16.04 37.76
CA THR A 131 -6.03 -15.36 37.70
C THR A 131 -4.89 -16.34 38.06
N GLU A 132 -5.05 -17.06 39.17
CA GLU A 132 -4.02 -18.01 39.62
C GLU A 132 -3.80 -19.15 38.62
N LYS A 133 -4.88 -19.72 38.10
CA LYS A 133 -4.78 -20.78 37.10
C LYS A 133 -4.05 -20.29 35.85
N ILE A 134 -4.28 -19.03 35.45
CA ILE A 134 -3.57 -18.47 34.32
C ILE A 134 -2.07 -18.35 34.65
N SER A 135 -1.77 -17.87 35.86
CA SER A 135 -0.38 -17.76 36.34
C SER A 135 0.31 -19.09 36.33
N GLU A 136 -0.41 -20.13 36.73
CA GLU A 136 0.17 -21.46 36.84
C GLU A 136 0.55 -22.05 35.50
N ILE A 137 -0.35 -21.93 34.51
CA ILE A 137 -0.08 -22.58 33.21
C ILE A 137 1.07 -21.84 32.51
N VAL A 138 1.06 -20.53 32.64
CA VAL A 138 2.11 -19.67 32.15
C VAL A 138 3.51 -20.04 32.70
N ASP A 139 3.53 -20.27 33.99
CA ASP A 139 4.78 -20.65 34.67
C ASP A 139 5.27 -22.02 34.14
N LYS A 140 4.35 -22.95 33.97
CA LYS A 140 4.71 -24.26 33.47
C LYS A 140 5.25 -24.21 32.05
N ALA A 141 4.58 -23.46 31.19
CA ALA A 141 4.99 -23.26 29.83
C ALA A 141 6.37 -22.60 29.78
N TYR A 142 6.59 -21.55 30.56
CA TYR A 142 7.88 -20.88 30.54
C TYR A 142 9.04 -21.77 31.03
N ARG A 143 8.81 -22.55 32.08
CA ARG A 143 9.81 -23.50 32.60
C ARG A 143 10.18 -24.55 31.55
N THR A 144 9.17 -25.02 30.83
CA THR A 144 9.43 -25.91 29.69
C THR A 144 10.29 -25.26 28.59
N TYR A 145 9.95 -24.03 28.25
CA TYR A 145 10.73 -23.27 27.27
C TYR A 145 12.20 -23.17 27.69
N LEU A 146 12.43 -22.77 28.93
CA LEU A 146 13.81 -22.72 29.46
C LEU A 146 14.54 -24.05 29.43
N GLU A 147 13.84 -25.09 29.86
CA GLU A 147 14.42 -26.40 29.84
C GLU A 147 14.84 -26.80 28.43
N LEU A 148 13.95 -26.60 27.46
CA LEU A 148 14.32 -26.85 26.07
C LEU A 148 15.56 -26.03 25.61
N ILE A 149 15.60 -24.72 25.91
CA ILE A 149 16.71 -23.89 25.48
C ILE A 149 17.98 -24.44 26.12
N GLU A 150 17.93 -24.73 27.41
CA GLU A 150 19.16 -25.18 28.14
C GLU A 150 19.63 -26.52 27.59
N SER A 151 18.68 -27.29 27.08
CA SER A 151 18.96 -28.55 26.44
C SER A 151 19.56 -28.49 25.05
N GLY A 152 19.68 -27.30 24.47
CA GLY A 152 20.21 -27.14 23.10
C GLY A 152 19.15 -27.01 22.00
N VAL A 153 17.86 -26.96 22.35
CA VAL A 153 16.81 -26.79 21.33
C VAL A 153 16.89 -25.35 20.83
N PRO A 154 16.86 -25.15 19.51
CA PRO A 154 16.95 -23.75 19.09
C PRO A 154 15.76 -22.92 19.57
N ARG A 155 16.05 -21.65 19.89
CA ARG A 155 15.09 -20.73 20.50
C ARG A 155 13.80 -20.71 19.66
N GLU A 156 13.96 -20.74 18.33
CA GLU A 156 12.80 -20.63 17.41
C GLU A 156 11.81 -21.77 17.49
N VAL A 157 12.28 -22.91 17.97
CA VAL A 157 11.43 -24.07 18.21
C VAL A 157 10.97 -24.06 19.67
N ALA A 158 11.89 -23.86 20.63
CA ALA A 158 11.52 -23.92 22.03
C ALA A 158 10.34 -22.97 22.29
N ARG A 159 10.35 -21.81 21.65
CA ARG A 159 9.34 -20.81 22.00
C ARG A 159 7.89 -21.15 21.60
N ILE A 160 7.67 -22.21 20.84
CA ILE A 160 6.32 -22.50 20.34
C ILE A 160 5.37 -23.01 21.45
N VAL A 161 5.94 -23.35 22.61
CA VAL A 161 5.14 -23.70 23.79
C VAL A 161 4.68 -22.50 24.60
N LEU A 162 5.14 -21.29 24.28
CA LEU A 162 4.80 -20.12 25.12
C LEU A 162 3.43 -19.64 24.76
N PRO A 163 2.67 -19.18 25.74
CA PRO A 163 1.30 -18.79 25.47
C PRO A 163 1.15 -17.39 24.84
N LEU A 164 -0.02 -17.14 24.27
CA LEU A 164 -0.35 -15.89 23.59
C LEU A 164 -0.33 -14.62 24.48
N ASN A 165 -0.34 -14.78 25.79
CA ASN A 165 -0.19 -13.66 26.72
C ASN A 165 1.24 -13.26 27.05
N LEU A 166 2.21 -13.89 26.40
CA LEU A 166 3.61 -13.46 26.49
C LEU A 166 3.75 -12.01 25.96
N TYR A 167 4.50 -11.14 26.66
CA TYR A 167 4.69 -9.79 26.19
C TYR A 167 5.74 -9.74 25.10
N THR A 168 5.47 -8.91 24.11
CA THR A 168 6.44 -8.60 23.04
C THR A 168 6.54 -7.08 23.04
N ARG A 169 7.46 -6.56 22.25
CA ARG A 169 7.71 -5.14 22.10
C ARG A 169 7.96 -4.82 20.65
N PHE A 170 7.49 -3.66 20.20
CA PHE A 170 7.65 -3.26 18.83
C PHE A 170 7.70 -1.75 18.71
N PHE A 171 8.33 -1.30 17.65
CA PHE A 171 8.18 0.06 17.18
C PHE A 171 7.15 0.08 16.06
N TRP A 172 6.40 1.18 16.03
CA TRP A 172 5.28 1.38 15.12
C TRP A 172 5.28 2.79 14.54
N THR A 173 5.50 2.93 13.26
CA THR A 173 5.46 4.26 12.65
C THR A 173 4.18 4.26 11.79
N VAL A 174 3.44 5.32 11.96
CA VAL A 174 2.08 5.43 11.45
C VAL A 174 1.68 6.91 11.33
N ASN A 175 0.96 7.24 10.25
CA ASN A 175 0.53 8.59 10.01
C ASN A 175 -0.87 8.79 10.62
N ALA A 176 -1.27 10.04 10.71
CA ALA A 176 -2.50 10.43 11.48
C ALA A 176 -3.75 9.91 10.85
N ARG A 177 -3.74 9.86 9.53
CA ARG A 177 -4.83 9.21 8.83
C ARG A 177 -5.01 7.73 9.17
N SER A 178 -3.92 6.97 9.08
N SER A 178 -3.92 6.98 9.11
CA SER A 178 -3.95 5.55 9.47
CA SER A 178 -3.94 5.58 9.53
C SER A 178 -4.30 5.39 10.99
C SER A 178 -4.32 5.40 11.00
N LEU A 179 -3.83 6.32 11.83
CA LEU A 179 -4.14 6.30 13.23
C LEU A 179 -5.65 6.50 13.42
N MET A 180 -6.27 7.33 12.60
CA MET A 180 -7.72 7.50 12.74
C MET A 180 -8.48 6.23 12.34
N ASN A 181 -8.03 5.57 11.29
CA ASN A 181 -8.58 4.26 10.91
C ASN A 181 -8.38 3.22 12.04
N PHE A 182 -7.18 3.17 12.59
CA PHE A 182 -6.85 2.26 13.69
C PHE A 182 -7.83 2.46 14.87
N LEU A 183 -8.08 3.73 15.21
CA LEU A 183 -8.92 4.06 16.37
C LEU A 183 -10.39 3.74 16.10
N ASN A 184 -10.83 3.94 14.85
CA ASN A 184 -12.22 3.61 14.47
C ASN A 184 -12.49 2.14 14.74
N LEU A 185 -11.47 1.29 14.56
CA LEU A 185 -11.62 -0.14 14.74
C LEU A 185 -11.39 -0.62 16.17
N ARG A 186 -10.41 -0.03 16.85
N ARG A 186 -10.45 -0.02 16.87
CA ARG A 186 -9.97 -0.56 18.13
CA ARG A 186 -10.02 -0.57 18.16
C ARG A 186 -10.55 0.20 19.35
C ARG A 186 -10.46 0.22 19.40
N ALA A 187 -10.76 1.52 19.25
CA ALA A 187 -11.35 2.30 20.33
C ALA A 187 -12.85 2.16 20.19
N ASP A 188 -13.35 0.99 20.53
CA ASP A 188 -14.74 0.69 20.38
C ASP A 188 -15.07 -0.45 21.32
N SER A 189 -16.26 -0.42 21.95
CA SER A 189 -16.66 -1.52 22.86
C SER A 189 -16.75 -2.92 22.25
N HIS A 190 -16.71 -3.03 20.91
CA HIS A 190 -16.80 -4.35 20.26
C HIS A 190 -15.44 -4.96 20.14
N ALA A 191 -14.41 -4.14 20.34
CA ALA A 191 -13.09 -4.69 20.41
C ALA A 191 -12.86 -5.29 21.78
N GLN A 192 -11.97 -6.27 21.81
CA GLN A 192 -11.54 -6.84 23.05
C GLN A 192 -11.04 -5.74 24.01
N TRP A 193 -11.44 -5.81 25.26
CA TRP A 193 -11.07 -4.83 26.26
C TRP A 193 -9.57 -4.53 26.28
N GLU A 194 -8.75 -5.57 26.17
CA GLU A 194 -7.30 -5.34 26.19
C GLU A 194 -6.87 -4.47 25.05
N ILE A 195 -7.35 -4.72 23.83
CA ILE A 195 -6.97 -3.80 22.76
C ILE A 195 -7.64 -2.44 22.90
N GLN A 196 -8.84 -2.33 23.47
CA GLN A 196 -9.34 -1.02 23.77
C GLN A 196 -8.34 -0.21 24.61
N GLN A 197 -7.76 -0.80 25.65
CA GLN A 197 -6.86 -0.08 26.57
C GLN A 197 -5.66 0.51 25.82
N TYR A 198 -5.13 -0.26 24.89
CA TYR A 198 -4.03 0.23 24.04
C TYR A 198 -4.51 1.36 23.12
N ALA A 199 -5.70 1.19 22.52
CA ALA A 199 -6.26 2.23 21.67
C ALA A 199 -6.52 3.52 22.42
N LEU A 200 -6.91 3.46 23.68
CA LEU A 200 -7.13 4.66 24.45
C LEU A 200 -5.83 5.42 24.67
N ALA A 201 -4.76 4.66 24.90
CA ALA A 201 -3.41 5.25 25.04
C ALA A 201 -2.92 5.92 23.74
N ILE A 202 -3.10 5.26 22.59
CA ILE A 202 -2.77 5.87 21.32
C ILE A 202 -3.55 7.16 21.10
N ALA A 203 -4.86 7.11 21.40
CA ALA A 203 -5.71 8.27 21.28
C ALA A 203 -5.27 9.45 22.15
N ARG A 204 -4.93 9.14 23.37
CA ARG A 204 -4.47 10.13 24.28
C ARG A 204 -3.21 10.87 23.80
N ILE A 205 -2.29 10.14 23.21
CA ILE A 205 -1.08 10.75 22.66
C ILE A 205 -1.35 11.59 21.42
N PHE A 206 -2.16 11.03 20.51
CA PHE A 206 -2.65 11.73 19.34
C PHE A 206 -3.29 13.03 19.78
N LYS A 207 -4.18 12.99 20.76
CA LYS A 207 -4.84 14.22 21.21
C LYS A 207 -3.84 15.28 21.68
N GLU A 208 -2.89 14.86 22.50
CA GLU A 208 -1.85 15.76 22.98
C GLU A 208 -1.06 16.43 21.85
N LYS A 209 -0.64 15.67 20.84
CA LYS A 209 0.21 16.19 19.80
C LYS A 209 -0.52 16.93 18.64
N CYS A 210 -1.77 16.56 18.41
CA CYS A 210 -2.58 17.13 17.34
C CYS A 210 -4.01 17.47 17.83
N PRO A 211 -4.13 18.46 18.72
CA PRO A 211 -5.42 18.69 19.40
C PRO A 211 -6.57 19.03 18.46
N TRP A 212 -6.28 19.78 17.40
CA TRP A 212 -7.32 20.24 16.50
C TRP A 212 -7.77 19.11 15.61
N THR A 213 -6.81 18.33 15.10
CA THR A 213 -7.14 17.14 14.28
C THR A 213 -7.93 16.16 15.13
N PHE A 214 -7.49 15.94 16.36
CA PHE A 214 -8.14 14.97 17.21
C PHE A 214 -9.59 15.38 17.54
N GLU A 215 -9.78 16.62 17.95
CA GLU A 215 -11.15 17.14 18.19
C GLU A 215 -12.05 17.03 16.96
N ALA A 216 -11.51 17.36 15.79
CA ALA A 216 -12.29 17.30 14.57
C ALA A 216 -12.66 15.87 14.29
N PHE A 217 -11.66 14.98 14.40
CA PHE A 217 -11.85 13.54 14.25
C PHE A 217 -13.03 13.09 15.13
N LEU A 218 -12.98 13.41 16.40
CA LEU A 218 -14.05 12.99 17.29
C LEU A 218 -15.41 13.52 16.83
N LYS A 219 -15.47 14.81 16.51
CA LYS A 219 -16.74 15.44 16.15
C LYS A 219 -17.33 14.92 14.84
N TYR A 220 -16.50 14.64 13.87
CA TYR A 220 -16.98 14.37 12.55
C TYR A 220 -16.73 12.99 11.98
N ALA A 221 -15.63 12.32 12.34
CA ALA A 221 -15.22 11.11 11.60
C ALA A 221 -15.16 9.84 12.47
N TYR A 222 -15.07 9.99 13.78
CA TYR A 222 -14.88 8.85 14.67
C TYR A 222 -16.13 7.99 14.72
N LYS A 223 -15.96 6.71 14.38
CA LYS A 223 -17.07 5.77 14.26
C LYS A 223 -17.34 4.94 15.53
N GLY A 224 -16.49 5.09 16.54
CA GLY A 224 -16.57 4.23 17.71
C GLY A 224 -17.34 4.88 18.82
N ASP A 225 -17.39 4.22 19.98
CA ASP A 225 -18.20 4.67 21.11
C ASP A 225 -17.47 4.86 22.46
N ILE A 226 -16.12 4.82 22.55
CA ILE A 226 -15.46 4.96 23.87
C ILE A 226 -14.62 6.22 24.03
N LEU A 227 -14.25 6.90 22.95
CA LEU A 227 -13.47 8.09 23.08
C LEU A 227 -14.40 9.23 23.43
N HIS B 12 14.79 26.43 5.00
CA HIS B 12 14.65 25.02 4.53
C HIS B 12 15.60 24.80 3.33
N MET B 13 16.28 23.65 3.29
CA MET B 13 17.12 23.30 2.15
C MET B 13 16.21 23.35 0.93
N LYS B 14 16.57 24.19 -0.05
CA LYS B 14 15.91 24.28 -1.32
C LYS B 14 16.90 24.23 -2.47
N ILE B 15 16.69 23.26 -3.36
CA ILE B 15 17.53 23.04 -4.51
C ILE B 15 16.75 23.36 -5.81
N ASP B 16 17.30 24.24 -6.64
CA ASP B 16 16.63 24.60 -7.89
C ASP B 16 16.93 23.51 -8.93
N ILE B 17 15.93 23.21 -9.73
CA ILE B 17 15.95 22.13 -10.73
C ILE B 17 15.27 22.70 -11.98
N LEU B 18 15.84 22.37 -13.15
CA LEU B 18 15.34 22.81 -14.46
C LEU B 18 15.31 24.34 -14.50
N ASP B 19 14.41 24.96 -15.26
CA ASP B 19 14.41 26.42 -15.36
C ASP B 19 13.67 27.14 -14.24
N LYS B 20 12.58 26.51 -13.72
CA LYS B 20 11.73 27.09 -12.66
C LYS B 20 11.43 26.15 -11.48
N GLY B 21 11.91 24.91 -11.55
CA GLY B 21 11.57 23.89 -10.59
C GLY B 21 12.39 23.97 -9.33
N PHE B 22 11.98 23.17 -8.34
CA PHE B 22 12.72 23.05 -7.08
C PHE B 22 12.34 21.81 -6.31
N VAL B 23 13.23 21.43 -5.40
CA VAL B 23 12.93 20.47 -4.37
C VAL B 23 13.32 21.15 -3.07
N GLU B 24 12.38 21.17 -2.13
CA GLU B 24 12.54 21.83 -0.85
C GLU B 24 12.19 20.87 0.28
N LEU B 25 13.01 20.82 1.34
CA LEU B 25 12.72 19.91 2.46
C LEU B 25 11.84 20.65 3.43
N VAL B 26 10.67 20.11 3.69
CA VAL B 26 9.71 20.73 4.59
C VAL B 26 9.90 20.27 6.03
N ASP B 27 10.09 18.98 6.21
CA ASP B 27 10.27 18.40 7.50
C ASP B 27 10.89 17.01 7.42
N VAL B 28 11.37 16.54 8.55
CA VAL B 28 11.94 15.21 8.62
C VAL B 28 11.73 14.63 10.01
N MET B 29 11.38 13.35 10.07
CA MET B 29 11.36 12.68 11.36
C MET B 29 12.49 11.68 11.38
N GLY B 30 13.38 11.84 12.34
CA GLY B 30 14.34 10.84 12.66
C GLY B 30 15.62 11.11 11.92
N ASN B 31 16.55 10.19 12.13
CA ASN B 31 17.84 10.26 11.51
C ASN B 31 18.35 8.83 11.51
N ASP B 32 19.62 8.63 11.17
CA ASP B 32 20.18 7.28 11.12
C ASP B 32 19.91 6.46 12.37
N LEU B 33 19.92 7.10 13.53
CA LEU B 33 19.73 6.37 14.76
C LEU B 33 18.31 5.84 14.91
N SER B 34 17.38 6.46 14.21
CA SER B 34 15.99 6.01 14.29
C SER B 34 15.91 4.62 13.72
N ALA B 35 16.68 4.33 12.66
CA ALA B 35 16.72 2.98 12.10
C ALA B 35 17.41 2.04 13.07
N VAL B 36 18.54 2.45 13.65
CA VAL B 36 19.21 1.64 14.65
C VAL B 36 18.31 1.27 15.83
N ARG B 37 17.62 2.25 16.39
CA ARG B 37 16.70 2.00 17.51
C ARG B 37 15.64 0.97 17.16
N ALA B 38 15.02 1.15 16.00
CA ALA B 38 13.98 0.18 15.50
C ALA B 38 14.56 -1.21 15.25
N ALA B 39 15.76 -1.30 14.66
CA ALA B 39 16.35 -2.61 14.47
C ALA B 39 16.70 -3.31 15.80
N ARG B 40 17.14 -2.54 16.78
CA ARG B 40 17.64 -3.14 18.03
C ARG B 40 16.57 -3.87 18.84
N VAL B 41 15.33 -3.43 18.69
CA VAL B 41 14.16 -4.15 19.26
C VAL B 41 14.20 -5.70 19.00
N SER B 42 14.63 -6.16 17.80
CA SER B 42 14.67 -7.62 17.50
C SER B 42 15.46 -8.49 18.45
N PHE B 43 16.62 -7.96 18.83
CA PHE B 43 17.56 -8.60 19.74
C PHE B 43 17.47 -8.09 21.19
N ASP B 44 16.32 -7.51 21.54
CA ASP B 44 16.05 -7.05 22.92
C ASP B 44 17.06 -5.98 23.35
N ASP B 49 26.70 2.78 20.95
CA ASP B 49 28.06 3.07 20.50
C ASP B 49 28.03 3.45 19.02
N GLU B 50 28.80 4.47 18.66
CA GLU B 50 28.80 5.06 17.31
C GLU B 50 29.16 4.08 16.22
N GLU B 51 30.36 3.50 16.31
CA GLU B 51 30.86 2.66 15.24
C GLU B 51 30.15 1.29 15.23
N ARG B 52 29.48 0.98 16.33
CA ARG B 52 28.62 -0.19 16.47
C ARG B 52 27.26 0.06 15.75
N ASP B 53 26.71 1.22 16.05
CA ASP B 53 25.50 1.71 15.39
C ASP B 53 25.65 1.89 13.89
N ARG B 54 26.76 2.49 13.46
CA ARG B 54 26.99 2.65 12.04
C ARG B 54 27.22 1.29 11.40
N HIS B 55 27.87 0.40 12.12
CA HIS B 55 28.08 -0.95 11.61
C HIS B 55 26.75 -1.69 11.41
N LEU B 56 25.79 -1.46 12.30
CA LEU B 56 24.50 -2.12 12.18
C LEU B 56 23.78 -1.63 10.92
N ILE B 57 23.88 -0.34 10.61
CA ILE B 57 23.26 0.20 9.36
C ILE B 57 23.77 -0.56 8.14
N GLU B 58 25.10 -0.72 8.05
CA GLU B 58 25.68 -1.41 6.94
C GLU B 58 25.25 -2.83 6.85
N TYR B 59 25.27 -3.53 7.98
CA TYR B 59 24.83 -4.92 8.10
C TYR B 59 23.40 -5.03 7.54
N LEU B 60 22.54 -4.15 8.06
CA LEU B 60 21.12 -4.12 7.62
C LEU B 60 21.02 -4.01 6.11
N MET B 61 21.67 -3.01 5.54
CA MET B 61 21.68 -2.76 4.07
C MET B 61 22.27 -3.94 3.26
N LYS B 62 23.41 -4.45 3.72
CA LYS B 62 24.11 -5.62 3.12
C LYS B 62 23.19 -6.85 3.04
N HIS B 63 22.44 -7.13 4.10
CA HIS B 63 21.57 -8.31 4.11
C HIS B 63 20.14 -8.04 3.67
N GLY B 64 19.86 -6.84 3.19
CA GLY B 64 18.57 -6.59 2.60
C GLY B 64 17.44 -6.43 3.61
N ASP B 65 17.74 -6.14 4.89
CA ASP B 65 16.64 -5.81 5.80
C ASP B 65 16.43 -4.31 5.77
N GLU B 66 15.44 -3.88 4.98
CA GLU B 66 15.25 -2.48 4.77
C GLU B 66 14.15 -1.96 5.74
N THR B 67 13.51 -2.84 6.51
CA THR B 67 12.34 -2.40 7.30
C THR B 67 12.75 -1.30 8.33
N PRO B 68 13.98 -1.36 8.92
CA PRO B 68 14.20 -0.33 9.97
C PRO B 68 14.26 1.08 9.42
N PHE B 69 14.53 1.19 8.13
CA PHE B 69 14.63 2.48 7.46
C PHE B 69 13.26 3.12 7.24
N GLU B 70 12.20 2.35 7.41
CA GLU B 70 10.82 2.92 7.28
C GLU B 70 10.49 3.92 8.38
N HIS B 71 11.30 3.93 9.43
CA HIS B 71 11.05 4.75 10.62
C HIS B 71 11.69 6.14 10.47
N ILE B 72 12.31 6.38 9.33
CA ILE B 72 12.83 7.70 8.94
C ILE B 72 11.86 8.24 7.90
N VAL B 73 11.33 9.44 8.12
CA VAL B 73 10.31 10.01 7.22
C VAL B 73 10.60 11.44 6.84
N PHE B 74 10.46 11.76 5.55
CA PHE B 74 10.67 13.10 5.00
C PHE B 74 9.37 13.68 4.48
N THR B 75 9.24 15.00 4.55
CA THR B 75 8.30 15.69 3.73
C THR B 75 8.98 16.72 2.86
N PHE B 76 8.79 16.58 1.56
CA PHE B 76 9.35 17.49 0.55
C PHE B 76 8.24 18.36 -0.05
N HIS B 77 8.62 19.55 -0.49
CA HIS B 77 7.76 20.42 -1.34
C HIS B 77 8.47 20.55 -2.70
N VAL B 78 7.76 20.17 -3.73
CA VAL B 78 8.35 19.99 -5.03
C VAL B 78 7.53 20.78 -6.07
N LYS B 79 8.28 21.47 -6.90
CA LYS B 79 7.76 22.12 -8.09
C LYS B 79 8.36 21.52 -9.36
N ALA B 80 7.47 20.91 -10.16
CA ALA B 80 7.89 20.14 -11.28
C ALA B 80 6.90 20.19 -12.41
N PRO B 81 7.36 20.00 -13.63
CA PRO B 81 6.41 19.87 -14.79
C PRO B 81 5.50 18.68 -14.60
N ILE B 82 4.30 18.76 -15.17
CA ILE B 82 3.34 17.70 -15.02
C ILE B 82 3.87 16.39 -15.53
N PHE B 83 4.60 16.36 -16.65
CA PHE B 83 5.09 15.08 -17.13
C PHE B 83 6.03 14.40 -16.15
N VAL B 84 6.75 15.20 -15.38
CA VAL B 84 7.63 14.67 -14.33
C VAL B 84 6.81 14.20 -13.15
N ALA B 85 5.85 15.02 -12.76
CA ALA B 85 4.95 14.69 -11.66
C ALA B 85 4.16 13.43 -11.88
N ARG B 86 3.69 13.18 -13.10
CA ARG B 86 2.93 12.00 -13.37
C ARG B 86 3.75 10.73 -13.18
N GLN B 87 5.00 10.77 -13.62
CA GLN B 87 5.92 9.65 -13.36
C GLN B 87 6.15 9.47 -11.84
N TRP B 88 6.41 10.57 -11.15
CA TRP B 88 6.72 10.56 -9.73
C TRP B 88 5.62 9.93 -8.91
N PHE B 89 4.39 10.30 -9.26
CA PHE B 89 3.22 9.93 -8.49
C PHE B 89 2.88 8.46 -8.68
N ARG B 90 3.57 7.77 -9.61
CA ARG B 90 3.46 6.33 -9.70
C ARG B 90 3.97 5.60 -8.47
N HIS B 91 4.76 6.29 -7.64
CA HIS B 91 5.31 5.69 -6.42
C HIS B 91 4.20 5.75 -5.37
N ARG B 92 3.60 4.59 -5.17
CA ARG B 92 2.38 4.48 -4.39
C ARG B 92 2.59 4.49 -2.86
N ILE B 93 3.75 4.04 -2.39
CA ILE B 93 4.00 3.99 -0.97
C ILE B 93 4.60 5.35 -0.51
N ALA B 94 3.69 6.29 -0.41
CA ALA B 94 3.92 7.70 -0.14
C ALA B 94 2.58 8.45 -0.13
N SER B 95 2.65 9.67 0.37
CA SER B 95 1.50 10.56 0.51
C SER B 95 1.75 11.84 -0.30
N TYR B 96 0.71 12.29 -1.01
CA TYR B 96 0.83 13.41 -1.93
C TYR B 96 -0.28 14.40 -1.69
N ASN B 97 0.02 15.70 -1.73
CA ASN B 97 -1.02 16.71 -1.90
C ASN B 97 -0.53 17.70 -2.95
N GLU B 98 -1.32 17.85 -4.00
CA GLU B 98 -0.94 18.68 -5.15
C GLU B 98 -1.87 19.84 -5.43
N LEU B 99 -1.28 20.95 -5.90
CA LEU B 99 -2.02 22.10 -6.43
C LEU B 99 -3.09 21.65 -7.44
N SER B 100 -4.30 22.19 -7.32
CA SER B 100 -5.45 21.78 -8.17
C SER B 100 -5.82 22.77 -9.30
N GLY B 101 -5.82 22.31 -10.57
CA GLY B 101 -6.34 23.07 -11.70
C GLY B 101 -7.87 23.15 -11.79
N ARG B 102 -8.57 22.27 -11.09
CA ARG B 102 -10.01 22.46 -10.88
C ARG B 102 -10.23 23.71 -10.03
N TYR B 103 -9.45 23.88 -8.95
CA TYR B 103 -9.74 24.89 -7.94
C TYR B 103 -8.93 26.19 -8.04
N SER B 104 -7.76 26.18 -8.69
CA SER B 104 -6.94 27.39 -8.80
C SER B 104 -6.83 27.79 -10.27
N LYS B 105 -6.75 29.10 -10.53
CA LYS B 105 -6.22 29.58 -11.82
C LYS B 105 -4.73 29.27 -11.88
N LEU B 106 -4.28 28.71 -12.99
CA LEU B 106 -2.90 28.22 -13.08
C LEU B 106 -1.90 29.30 -13.59
N SER B 107 -0.70 29.33 -13.01
CA SER B 107 0.29 30.36 -13.32
C SER B 107 0.94 30.12 -14.65
N TYR B 108 1.38 31.21 -15.27
CA TYR B 108 2.13 31.10 -16.48
C TYR B 108 3.50 30.59 -16.16
N GLU B 109 3.64 29.30 -15.91
CA GLU B 109 4.97 28.72 -15.71
C GLU B 109 5.13 27.35 -16.36
N PHE B 110 6.10 27.24 -17.26
CA PHE B 110 6.27 26.08 -18.09
C PHE B 110 7.75 25.72 -18.21
N TYR B 111 8.07 24.44 -18.26
CA TYR B 111 9.46 24.01 -18.53
C TYR B 111 9.79 24.18 -19.99
N ILE B 112 10.76 25.02 -20.28
CA ILE B 112 11.28 25.15 -21.64
C ILE B 112 12.66 24.55 -21.65
N PRO B 113 12.86 23.43 -22.34
CA PRO B 113 14.19 22.81 -22.35
C PRO B 113 15.23 23.80 -22.87
N SER B 114 16.44 23.76 -22.31
CA SER B 114 17.58 24.48 -22.87
C SER B 114 18.08 23.82 -24.17
N PRO B 115 18.82 24.57 -25.02
CA PRO B 115 19.38 23.97 -26.23
C PRO B 115 20.29 22.78 -25.95
N GLU B 116 20.97 22.86 -24.83
CA GLU B 116 21.91 21.84 -24.42
C GLU B 116 21.18 20.54 -24.07
N ARG B 117 19.87 20.58 -23.71
CA ARG B 117 19.05 19.36 -23.49
C ARG B 117 19.03 18.47 -24.72
N LEU B 118 19.19 19.08 -25.89
CA LEU B 118 19.06 18.38 -27.19
C LEU B 118 20.37 17.96 -27.85
N GLU B 119 21.47 17.86 -27.11
CA GLU B 119 22.68 17.38 -27.77
C GLU B 119 23.05 15.95 -27.35
N GLY B 120 23.79 15.30 -28.24
CA GLY B 120 23.76 13.85 -28.38
C GLY B 120 22.74 13.46 -29.45
N TYR B 121 21.87 14.41 -29.85
CA TYR B 121 20.79 14.10 -30.80
C TYR B 121 21.03 14.87 -32.06
N LYS B 122 21.18 14.11 -33.14
CA LYS B 122 21.23 14.65 -34.48
C LYS B 122 19.84 15.13 -34.86
N THR B 123 19.68 16.44 -34.98
CA THR B 123 18.41 17.02 -35.37
C THR B 123 18.56 17.79 -36.68
N THR B 124 17.44 18.03 -37.36
CA THR B 124 17.38 18.83 -38.59
C THR B 124 17.32 20.34 -38.37
N ILE B 125 16.71 20.80 -37.28
CA ILE B 125 16.73 22.24 -36.98
C ILE B 125 17.63 22.46 -35.79
N PRO B 126 18.17 23.68 -35.67
CA PRO B 126 19.02 23.97 -34.52
C PRO B 126 18.28 23.76 -33.19
N PRO B 127 19.02 23.38 -32.13
CA PRO B 127 18.38 23.25 -30.82
C PRO B 127 17.63 24.53 -30.37
N GLU B 128 18.14 25.71 -30.73
CA GLU B 128 17.46 26.97 -30.33
C GLU B 128 16.12 27.11 -31.01
N ARG B 129 16.00 26.54 -32.20
CA ARG B 129 14.72 26.50 -32.87
C ARG B 129 13.72 25.57 -32.18
N VAL B 130 14.18 24.40 -31.76
CA VAL B 130 13.33 23.47 -30.98
C VAL B 130 12.80 24.21 -29.79
N THR B 131 13.71 24.79 -29.03
CA THR B 131 13.39 25.61 -27.87
C THR B 131 12.34 26.66 -28.18
N GLU B 132 12.54 27.37 -29.29
CA GLU B 132 11.62 28.42 -29.71
C GLU B 132 10.22 27.90 -30.10
N LYS B 133 10.14 26.77 -30.79
CA LYS B 133 8.84 26.20 -31.18
C LYS B 133 8.06 25.68 -29.95
N ILE B 134 8.77 25.20 -28.94
CA ILE B 134 8.12 24.79 -27.70
C ILE B 134 7.55 25.99 -27.01
N SER B 135 8.37 27.02 -26.83
CA SER B 135 7.85 28.30 -26.30
C SER B 135 6.60 28.83 -26.98
N GLU B 136 6.53 28.71 -28.30
CA GLU B 136 5.43 29.33 -29.05
C GLU B 136 4.14 28.63 -28.79
N ILE B 137 4.19 27.29 -28.82
CA ILE B 137 3.03 26.49 -28.55
C ILE B 137 2.55 26.73 -27.10
N VAL B 138 3.48 26.76 -26.15
CA VAL B 138 3.16 27.09 -24.76
C VAL B 138 2.40 28.39 -24.65
N ASP B 139 2.92 29.39 -25.33
CA ASP B 139 2.33 30.73 -25.29
C ASP B 139 0.95 30.75 -25.94
N LYS B 140 0.79 30.06 -27.07
CA LYS B 140 -0.55 29.96 -27.69
C LYS B 140 -1.59 29.26 -26.78
N ALA B 141 -1.19 28.16 -26.16
CA ALA B 141 -2.09 27.40 -25.29
C ALA B 141 -2.47 28.18 -24.06
N TYR B 142 -1.51 28.85 -23.43
CA TYR B 142 -1.83 29.65 -22.24
C TYR B 142 -2.78 30.80 -22.56
N ARG B 143 -2.55 31.46 -23.71
CA ARG B 143 -3.42 32.55 -24.13
C ARG B 143 -4.84 32.03 -24.36
N THR B 144 -4.98 30.91 -25.08
CA THR B 144 -6.28 30.21 -25.19
C THR B 144 -6.90 29.89 -23.83
N TYR B 145 -6.11 29.35 -22.91
CA TYR B 145 -6.58 29.03 -21.55
C TYR B 145 -7.14 30.29 -20.89
N LEU B 146 -6.43 31.41 -21.01
CA LEU B 146 -6.91 32.68 -20.41
C LEU B 146 -8.17 33.20 -21.06
N GLU B 147 -8.23 33.09 -22.37
CA GLU B 147 -9.44 33.51 -23.10
C GLU B 147 -10.64 32.70 -22.67
N LEU B 148 -10.45 31.39 -22.45
CA LEU B 148 -11.57 30.54 -22.06
C LEU B 148 -12.11 30.89 -20.67
N ILE B 149 -11.21 31.11 -19.73
CA ILE B 149 -11.59 31.58 -18.39
C ILE B 149 -12.31 32.92 -18.44
N GLU B 150 -11.81 33.83 -19.26
CA GLU B 150 -12.44 35.17 -19.36
C GLU B 150 -13.85 35.07 -19.93
N SER B 151 -14.08 34.05 -20.74
CA SER B 151 -15.38 33.83 -21.35
C SER B 151 -16.34 33.09 -20.44
N GLY B 152 -15.92 32.70 -19.23
CA GLY B 152 -16.79 31.94 -18.31
C GLY B 152 -16.69 30.41 -18.29
N VAL B 153 -15.71 29.84 -19.00
CA VAL B 153 -15.51 28.39 -19.01
C VAL B 153 -14.94 28.06 -17.66
N PRO B 154 -15.48 27.04 -17.00
CA PRO B 154 -14.92 26.65 -15.71
C PRO B 154 -13.47 26.23 -15.86
N ARG B 155 -12.72 26.53 -14.82
CA ARG B 155 -11.29 26.30 -14.81
C ARG B 155 -10.95 24.84 -15.12
N GLU B 156 -11.77 23.93 -14.61
CA GLU B 156 -11.46 22.51 -14.72
C GLU B 156 -11.50 22.03 -16.15
N VAL B 157 -12.21 22.77 -16.99
CA VAL B 157 -12.31 22.49 -18.43
C VAL B 157 -11.31 23.28 -19.22
N ALA B 158 -11.22 24.57 -18.94
CA ALA B 158 -10.29 25.45 -19.64
C ALA B 158 -8.86 24.89 -19.58
N ARG B 159 -8.46 24.27 -18.46
CA ARG B 159 -7.03 23.88 -18.30
C ARG B 159 -6.63 22.69 -19.17
N ILE B 160 -7.59 22.06 -19.82
CA ILE B 160 -7.28 20.87 -20.62
C ILE B 160 -6.41 21.15 -21.84
N VAL B 161 -6.33 22.41 -22.26
CA VAL B 161 -5.52 22.83 -23.39
C VAL B 161 -4.09 23.07 -22.99
N LEU B 162 -3.82 23.11 -21.69
CA LEU B 162 -2.44 23.43 -21.27
C LEU B 162 -1.55 22.21 -21.46
N PRO B 163 -0.32 22.46 -21.89
CA PRO B 163 0.61 21.36 -22.12
C PRO B 163 1.24 20.76 -20.88
N LEU B 164 1.78 19.53 -21.08
CA LEU B 164 2.34 18.67 -20.07
C LEU B 164 3.62 19.22 -19.42
N ASN B 165 4.21 20.25 -20.03
CA ASN B 165 5.32 20.98 -19.41
C ASN B 165 4.88 22.09 -18.46
N LEU B 166 3.58 22.28 -18.25
CA LEU B 166 3.12 23.16 -17.16
C LEU B 166 3.72 22.75 -15.81
N TYR B 167 4.12 23.74 -15.03
CA TYR B 167 4.57 23.50 -13.66
C TYR B 167 3.42 23.29 -12.69
N THR B 168 3.58 22.26 -11.88
CA THR B 168 2.71 22.00 -10.73
C THR B 168 3.54 21.94 -9.45
N ARG B 169 2.86 21.89 -8.31
CA ARG B 169 3.49 21.92 -7.02
C ARG B 169 2.81 20.90 -6.13
N PHE B 170 3.60 20.20 -5.33
CA PHE B 170 3.07 19.16 -4.39
C PHE B 170 3.95 18.97 -3.18
N PHE B 171 3.32 18.51 -2.10
CA PHE B 171 3.98 17.97 -0.92
C PHE B 171 4.05 16.45 -1.10
N TRP B 172 5.18 15.87 -0.69
CA TRP B 172 5.43 14.44 -0.77
C TRP B 172 5.98 13.98 0.57
N THR B 173 5.24 13.10 1.25
CA THR B 173 5.73 12.54 2.51
C THR B 173 6.08 11.08 2.22
N VAL B 174 7.29 10.67 2.59
CA VAL B 174 7.83 9.40 2.15
C VAL B 174 8.88 8.92 3.17
N ASN B 175 8.87 7.63 3.48
CA ASN B 175 9.81 7.08 4.40
C ASN B 175 11.11 6.71 3.65
N ALA B 176 12.19 6.54 4.36
CA ALA B 176 13.49 6.31 3.71
C ALA B 176 13.64 5.04 2.91
N ARG B 177 12.94 3.99 3.30
CA ARG B 177 12.90 2.79 2.44
C ARG B 177 12.31 3.08 1.09
N SER B 178 11.16 3.73 1.08
CA SER B 178 10.50 4.04 -0.14
C SER B 178 11.28 5.07 -0.97
N LEU B 179 12.00 5.96 -0.28
CA LEU B 179 12.90 6.90 -0.91
C LEU B 179 14.05 6.17 -1.62
N MET B 180 14.63 5.16 -0.99
CA MET B 180 15.62 4.32 -1.66
C MET B 180 15.09 3.60 -2.93
N ASN B 181 13.87 3.09 -2.83
N ASN B 181 13.86 3.10 -2.87
CA ASN B 181 13.20 2.54 -4.00
CA ASN B 181 13.26 2.49 -4.04
C ASN B 181 13.12 3.58 -5.10
C ASN B 181 12.94 3.51 -5.14
N PHE B 182 12.61 4.74 -4.76
CA PHE B 182 12.49 5.85 -5.70
C PHE B 182 13.81 6.16 -6.36
N LEU B 183 14.88 6.29 -5.59
CA LEU B 183 16.23 6.54 -6.14
C LEU B 183 16.75 5.44 -7.09
N ASN B 184 16.51 4.18 -6.72
CA ASN B 184 16.83 3.04 -7.57
C ASN B 184 16.21 3.19 -8.95
N LEU B 185 14.98 3.69 -9.02
CA LEU B 185 14.26 3.77 -10.31
C LEU B 185 14.47 5.08 -11.08
N ARG B 186 14.62 6.19 -10.37
CA ARG B 186 14.63 7.51 -11.00
C ARG B 186 16.02 8.16 -11.00
N ALA B 187 16.89 7.82 -10.05
CA ALA B 187 18.31 8.24 -10.17
C ALA B 187 19.06 7.20 -10.96
N ASP B 188 18.78 7.17 -12.25
CA ASP B 188 19.24 6.16 -13.14
C ASP B 188 19.08 6.69 -14.58
N SER B 189 20.05 6.35 -15.40
CA SER B 189 20.11 6.83 -16.78
C SER B 189 18.94 6.37 -17.68
N HIS B 190 18.22 5.34 -17.29
CA HIS B 190 17.05 4.87 -18.06
C HIS B 190 15.82 5.74 -17.79
N ALA B 191 15.80 6.40 -16.64
CA ALA B 191 14.77 7.35 -16.32
C ALA B 191 14.93 8.55 -17.22
N GLN B 192 13.87 9.29 -17.44
CA GLN B 192 13.96 10.53 -18.23
C GLN B 192 14.85 11.56 -17.55
N TRP B 193 15.69 12.24 -18.31
CA TRP B 193 16.69 13.16 -17.75
C TRP B 193 16.09 14.15 -16.77
N GLU B 194 14.94 14.69 -17.14
CA GLU B 194 14.25 15.62 -16.22
C GLU B 194 13.97 15.07 -14.85
N ILE B 195 13.44 13.85 -14.72
CA ILE B 195 13.20 13.34 -13.40
C ILE B 195 14.49 12.89 -12.68
N GLN B 196 15.52 12.52 -13.46
CA GLN B 196 16.83 12.25 -12.87
C GLN B 196 17.32 13.45 -12.13
N GLN B 197 17.06 14.62 -12.68
CA GLN B 197 17.53 15.84 -12.03
C GLN B 197 16.89 16.04 -10.68
N TYR B 198 15.59 15.78 -10.60
CA TYR B 198 14.86 15.81 -9.33
C TYR B 198 15.38 14.74 -8.38
N ALA B 199 15.67 13.56 -8.91
CA ALA B 199 16.09 12.48 -8.03
C ALA B 199 17.52 12.75 -7.45
N LEU B 200 18.35 13.47 -8.21
CA LEU B 200 19.68 13.93 -7.68
C LEU B 200 19.50 14.84 -6.45
N ALA B 201 18.52 15.73 -6.53
CA ALA B 201 18.24 16.70 -5.44
C ALA B 201 17.68 15.97 -4.20
N ILE B 202 16.77 15.03 -4.44
CA ILE B 202 16.23 14.18 -3.39
C ILE B 202 17.36 13.43 -2.71
N ALA B 203 18.26 12.89 -3.51
CA ALA B 203 19.44 12.20 -2.95
C ALA B 203 20.35 13.10 -2.14
N ARG B 204 20.53 14.34 -2.59
CA ARG B 204 21.40 15.26 -1.85
C ARG B 204 20.84 15.51 -0.48
N ILE B 205 19.52 15.70 -0.38
CA ILE B 205 18.87 16.00 0.91
C ILE B 205 18.88 14.76 1.83
N PHE B 206 18.60 13.59 1.26
CA PHE B 206 18.66 12.29 1.99
C PHE B 206 20.04 12.13 2.62
N LYS B 207 21.08 12.36 1.84
CA LYS B 207 22.48 12.20 2.29
C LYS B 207 22.82 13.14 3.44
N GLU B 208 22.35 14.36 3.34
CA GLU B 208 22.61 15.38 4.33
C GLU B 208 21.92 15.01 5.66
N LYS B 209 20.70 14.52 5.61
CA LYS B 209 19.99 14.17 6.85
C LYS B 209 20.33 12.77 7.38
N CYS B 210 20.67 11.84 6.49
CA CYS B 210 20.91 10.44 6.83
C CYS B 210 22.22 9.93 6.20
N PRO B 211 23.37 10.51 6.62
CA PRO B 211 24.62 10.16 5.95
C PRO B 211 24.95 8.68 5.97
N TRP B 212 24.80 8.02 7.10
CA TRP B 212 25.20 6.62 7.19
C TRP B 212 24.29 5.71 6.37
N THR B 213 22.98 5.98 6.43
CA THR B 213 22.03 5.21 5.66
C THR B 213 22.33 5.44 4.22
N PHE B 214 22.58 6.69 3.84
CA PHE B 214 22.79 7.01 2.44
C PHE B 214 24.08 6.30 1.88
N GLU B 215 25.17 6.41 2.59
CA GLU B 215 26.49 5.82 2.14
C GLU B 215 26.36 4.32 2.07
N ALA B 216 25.71 3.75 3.09
CA ALA B 216 25.29 2.33 3.09
C ALA B 216 24.43 1.87 1.90
N PHE B 217 23.39 2.65 1.58
CA PHE B 217 22.56 2.40 0.43
C PHE B 217 23.44 2.35 -0.84
N LEU B 218 24.30 3.35 -1.00
CA LEU B 218 25.09 3.45 -2.21
C LEU B 218 26.03 2.25 -2.33
N LYS B 219 26.68 1.91 -1.23
CA LYS B 219 27.69 0.84 -1.23
C LYS B 219 27.05 -0.54 -1.42
N TYR B 220 25.91 -0.82 -0.74
CA TYR B 220 25.37 -2.19 -0.70
C TYR B 220 24.04 -2.46 -1.44
N ALA B 221 23.18 -1.47 -1.70
CA ALA B 221 21.81 -1.76 -2.21
C ALA B 221 21.36 -0.96 -3.43
N TYR B 222 21.95 0.18 -3.69
CA TYR B 222 21.48 1.01 -4.79
C TYR B 222 21.73 0.33 -6.11
N LYS B 223 20.70 0.30 -6.94
CA LYS B 223 20.70 -0.46 -8.16
C LYS B 223 20.94 0.41 -9.39
N GLY B 224 20.94 1.74 -9.23
CA GLY B 224 21.02 2.65 -10.37
C GLY B 224 22.46 2.90 -10.74
N ASP B 225 22.72 3.77 -11.70
CA ASP B 225 24.09 4.09 -12.09
C ASP B 225 24.58 5.50 -11.65
N ILE B 226 23.77 6.53 -11.73
CA ILE B 226 24.31 7.92 -11.67
C ILE B 226 24.78 8.37 -10.29
N LEU B 227 24.16 7.91 -9.22
CA LEU B 227 24.52 8.37 -7.90
C LEU B 227 25.96 7.89 -7.55
N LYS B 228 26.49 6.90 -8.26
CA LYS B 228 27.86 6.45 -8.02
C LYS B 228 28.84 7.23 -8.87
N GLU B 229 28.29 7.95 -9.84
CA GLU B 229 29.05 8.66 -10.86
C GLU B 229 29.15 10.13 -10.44
N VAL B 230 28.11 10.60 -9.79
CA VAL B 230 27.79 12.02 -9.66
C VAL B 230 27.61 12.40 -8.19
N GLN B 231 28.57 13.19 -7.72
CA GLN B 231 28.65 13.65 -6.35
C GLN B 231 27.34 14.23 -5.78
N VAL B 232 27.05 13.77 -4.54
CA VAL B 232 25.89 14.08 -3.66
C VAL B 232 24.49 13.76 -4.17
N HIS C 12 -17.97 -10.15 -23.28
CA HIS C 12 -17.17 -8.89 -23.24
C HIS C 12 -18.03 -7.75 -22.71
N MET C 13 -17.45 -6.91 -21.87
CA MET C 13 -18.07 -5.65 -21.48
C MET C 13 -17.11 -4.51 -21.79
N LYS C 14 -17.56 -3.64 -22.69
CA LYS C 14 -16.86 -2.42 -23.04
C LYS C 14 -17.88 -1.28 -23.16
N ILE C 15 -17.66 -0.20 -22.42
CA ILE C 15 -18.55 0.93 -22.37
C ILE C 15 -17.80 2.15 -22.89
N ASP C 16 -18.36 2.80 -23.89
CA ASP C 16 -17.78 4.05 -24.41
C ASP C 16 -17.99 5.19 -23.44
N ILE C 17 -16.99 6.05 -23.32
CA ILE C 17 -17.02 7.20 -22.37
C ILE C 17 -16.44 8.42 -23.09
N LEU C 18 -17.03 9.60 -22.86
CA LEU C 18 -16.63 10.87 -23.50
C LEU C 18 -16.69 10.70 -25.02
N ASP C 19 -15.74 11.30 -25.73
CA ASP C 19 -15.77 11.20 -27.18
C ASP C 19 -14.97 10.03 -27.81
N LYS C 20 -13.90 9.56 -27.16
CA LYS C 20 -13.07 8.50 -27.72
C LYS C 20 -12.58 7.56 -26.62
N GLY C 21 -13.21 7.66 -25.46
CA GLY C 21 -12.82 6.89 -24.30
C GLY C 21 -13.57 5.60 -24.16
N PHE C 22 -13.12 4.80 -23.19
CA PHE C 22 -13.79 3.57 -22.86
C PHE C 22 -13.34 2.97 -21.53
N VAL C 23 -14.20 2.07 -21.04
CA VAL C 23 -13.86 1.17 -19.92
C VAL C 23 -14.21 -0.20 -20.43
N GLU C 24 -13.22 -1.08 -20.42
CA GLU C 24 -13.33 -2.44 -20.86
C GLU C 24 -12.96 -3.39 -19.68
N LEU C 25 -13.76 -4.44 -19.41
CA LEU C 25 -13.41 -5.46 -18.42
C LEU C 25 -12.49 -6.48 -19.07
N VAL C 26 -11.34 -6.68 -18.45
CA VAL C 26 -10.33 -7.58 -18.97
C VAL C 26 -10.51 -8.93 -18.25
N ASP C 27 -10.62 -8.92 -16.95
CA ASP C 27 -10.75 -10.14 -16.19
C ASP C 27 -11.35 -9.79 -14.83
N VAL C 28 -11.80 -10.84 -14.13
CA VAL C 28 -12.36 -10.74 -12.77
C VAL C 28 -12.02 -12.04 -12.02
N MET C 29 -11.63 -11.91 -10.77
CA MET C 29 -11.48 -13.07 -9.90
C MET C 29 -12.59 -12.99 -8.87
N GLY C 30 -13.44 -13.99 -8.89
CA GLY C 30 -14.38 -14.13 -7.83
C GLY C 30 -15.74 -13.52 -8.17
N ASN C 31 -16.62 -13.63 -7.21
CA ASN C 31 -17.98 -13.07 -7.28
C ASN C 31 -18.38 -12.74 -5.85
N ASP C 32 -19.67 -12.40 -5.62
CA ASP C 32 -20.10 -12.09 -4.24
C ASP C 32 -19.72 -13.17 -3.26
N LEU C 33 -19.77 -14.43 -3.70
CA LEU C 33 -19.54 -15.53 -2.77
C LEU C 33 -18.06 -15.66 -2.36
N SER C 34 -17.19 -15.04 -3.11
CA SER C 34 -15.74 -14.97 -2.75
C SER C 34 -15.53 -14.21 -1.43
N ALA C 35 -16.35 -13.17 -1.22
CA ALA C 35 -16.36 -12.40 0.02
C ALA C 35 -16.93 -13.22 1.17
N VAL C 36 -17.98 -14.00 0.92
CA VAL C 36 -18.60 -14.82 1.97
C VAL C 36 -17.63 -15.92 2.41
N ARG C 37 -16.98 -16.53 1.43
CA ARG C 37 -16.06 -17.63 1.71
C ARG C 37 -14.89 -17.11 2.50
N ALA C 38 -14.39 -15.94 2.11
CA ALA C 38 -13.26 -15.35 2.83
C ALA C 38 -13.60 -14.95 4.24
N ALA C 39 -14.80 -14.37 4.45
CA ALA C 39 -15.21 -14.04 5.77
C ALA C 39 -15.30 -15.26 6.68
N ARG C 40 -15.81 -16.37 6.15
CA ARG C 40 -15.96 -17.56 6.94
C ARG C 40 -14.70 -18.42 6.91
N VAL C 41 -13.72 -18.08 6.08
CA VAL C 41 -12.46 -18.88 5.89
C VAL C 41 -12.85 -20.31 5.55
N SER C 42 -13.69 -20.44 4.54
CA SER C 42 -14.19 -21.76 4.23
C SER C 42 -14.14 -21.93 2.73
N PHE C 43 -13.42 -22.95 2.27
CA PHE C 43 -13.37 -23.25 0.84
C PHE C 43 -14.29 -24.44 0.48
N ASP C 44 -15.59 -24.16 0.36
CA ASP C 44 -16.57 -25.10 -0.18
C ASP C 44 -16.95 -24.66 -1.61
N LYS C 48 -23.57 -23.26 -0.42
CA LYS C 48 -24.28 -22.10 -0.94
C LYS C 48 -25.74 -22.05 -0.45
N ASP C 49 -26.11 -20.91 0.15
CA ASP C 49 -27.40 -20.71 0.79
C ASP C 49 -27.66 -19.24 0.57
N GLU C 50 -28.37 -18.96 -0.51
CA GLU C 50 -28.50 -17.58 -0.95
C GLU C 50 -28.89 -16.58 0.12
N GLU C 51 -30.03 -16.77 0.80
CA GLU C 51 -30.46 -15.80 1.76
C GLU C 51 -29.42 -15.64 2.89
N ARG C 52 -28.86 -16.73 3.41
CA ARG C 52 -27.84 -16.62 4.43
C ARG C 52 -26.63 -15.83 3.86
N ASP C 53 -26.19 -16.18 2.66
CA ASP C 53 -24.93 -15.56 2.09
C ASP C 53 -25.17 -14.08 1.82
N ARG C 54 -26.36 -13.76 1.36
CA ARG C 54 -26.70 -12.40 1.09
C ARG C 54 -26.79 -11.57 2.36
N HIS C 55 -27.36 -12.16 3.40
CA HIS C 55 -27.43 -11.55 4.71
C HIS C 55 -26.03 -11.25 5.30
N LEU C 56 -25.13 -12.18 5.14
CA LEU C 56 -23.75 -11.93 5.57
C LEU C 56 -23.11 -10.76 4.80
N ILE C 57 -23.19 -10.72 3.46
CA ILE C 57 -22.73 -9.57 2.71
C ILE C 57 -23.28 -8.26 3.27
N GLU C 58 -24.60 -8.20 3.52
CA GLU C 58 -25.16 -7.02 4.10
C GLU C 58 -24.59 -6.72 5.50
N TYR C 59 -24.50 -7.71 6.35
CA TYR C 59 -23.93 -7.57 7.69
C TYR C 59 -22.52 -7.00 7.66
N LEU C 60 -21.70 -7.59 6.81
CA LEU C 60 -20.34 -7.12 6.69
C LEU C 60 -20.34 -5.64 6.31
N MET C 61 -21.12 -5.30 5.27
CA MET C 61 -21.17 -3.91 4.80
C MET C 61 -21.71 -2.93 5.85
N LYS C 62 -22.80 -3.32 6.52
CA LYS C 62 -23.44 -2.49 7.56
C LYS C 62 -22.48 -2.18 8.72
N HIS C 63 -21.68 -3.18 9.08
CA HIS C 63 -20.79 -3.06 10.24
C HIS C 63 -19.36 -2.67 9.90
N GLY C 64 -19.10 -2.37 8.64
CA GLY C 64 -17.85 -1.82 8.22
C GLY C 64 -16.69 -2.82 8.18
N ASP C 65 -17.01 -4.10 8.03
CA ASP C 65 -15.99 -5.16 7.98
C ASP C 65 -15.81 -5.42 6.50
N GLU C 66 -14.97 -4.64 5.86
CA GLU C 66 -14.82 -4.69 4.42
C GLU C 66 -13.63 -5.53 3.93
N THR C 67 -12.83 -6.08 4.83
CA THR C 67 -11.70 -6.93 4.40
C THR C 67 -12.13 -8.11 3.50
N PRO C 68 -13.33 -8.66 3.71
CA PRO C 68 -13.65 -9.81 2.84
C PRO C 68 -13.81 -9.47 1.38
N PHE C 69 -14.21 -8.22 1.09
CA PHE C 69 -14.38 -7.74 -0.24
C PHE C 69 -13.05 -7.55 -0.98
N GLU C 70 -11.94 -7.58 -0.24
CA GLU C 70 -10.60 -7.51 -0.89
C GLU C 70 -10.25 -8.78 -1.72
N HIS C 71 -11.03 -9.85 -1.55
CA HIS C 71 -10.83 -11.13 -2.15
C HIS C 71 -11.56 -11.29 -3.51
N ILE C 72 -12.19 -10.21 -3.95
CA ILE C 72 -12.75 -10.09 -5.25
C ILE C 72 -11.86 -9.07 -5.94
N VAL C 73 -11.44 -9.33 -7.16
CA VAL C 73 -10.51 -8.50 -7.87
C VAL C 73 -10.92 -8.35 -9.35
N PHE C 74 -10.73 -7.15 -9.89
CA PHE C 74 -11.02 -6.83 -11.27
C PHE C 74 -9.78 -6.28 -12.01
N THR C 75 -9.67 -6.60 -13.29
CA THR C 75 -8.78 -5.89 -14.16
C THR C 75 -9.58 -5.21 -15.27
N PHE C 76 -9.44 -3.89 -15.33
CA PHE C 76 -9.98 -3.05 -16.38
C PHE C 76 -8.92 -2.52 -17.32
N HIS C 77 -9.33 -2.30 -18.56
CA HIS C 77 -8.55 -1.54 -19.56
C HIS C 77 -9.31 -0.25 -19.85
N VAL C 78 -8.68 0.87 -19.54
CA VAL C 78 -9.32 2.19 -19.60
C VAL C 78 -8.60 3.09 -20.58
N LYS C 79 -9.38 3.81 -21.40
CA LYS C 79 -8.82 4.80 -22.31
C LYS C 79 -9.39 6.11 -21.83
N ALA C 80 -8.53 7.02 -21.41
CA ALA C 80 -9.01 8.27 -20.76
C ALA C 80 -7.99 9.42 -20.99
N PRO C 81 -8.45 10.68 -20.97
CA PRO C 81 -7.56 11.80 -21.16
C PRO C 81 -6.63 11.88 -19.97
N ILE C 82 -5.43 12.42 -20.20
CA ILE C 82 -4.45 12.54 -19.13
C ILE C 82 -4.98 13.24 -17.91
N PHE C 83 -5.75 14.33 -18.06
CA PHE C 83 -6.26 15.00 -16.84
C PHE C 83 -7.15 14.09 -16.00
N VAL C 84 -7.88 13.19 -16.65
CA VAL C 84 -8.67 12.20 -15.89
C VAL C 84 -7.76 11.18 -15.25
N ALA C 85 -6.84 10.66 -16.03
CA ALA C 85 -5.87 9.68 -15.49
C ALA C 85 -5.09 10.14 -14.29
N ARG C 86 -4.72 11.42 -14.24
N ARG C 86 -4.70 11.42 -14.26
CA ARG C 86 -3.95 11.99 -13.10
CA ARG C 86 -3.95 12.00 -13.12
C ARG C 86 -4.76 12.02 -11.83
C ARG C 86 -4.78 11.90 -11.86
N GLN C 87 -6.06 12.16 -11.97
CA GLN C 87 -6.94 12.09 -10.81
C GLN C 87 -7.06 10.61 -10.43
N TRP C 88 -7.27 9.75 -11.40
CA TRP C 88 -7.51 8.35 -11.14
C TRP C 88 -6.34 7.66 -10.47
N PHE C 89 -5.13 7.94 -10.97
CA PHE C 89 -3.93 7.29 -10.45
C PHE C 89 -3.55 7.76 -9.04
N ARG C 90 -4.32 8.67 -8.48
CA ARG C 90 -4.16 9.01 -7.11
C ARG C 90 -4.67 7.90 -6.19
N HIS C 91 -5.41 6.95 -6.75
CA HIS C 91 -5.89 5.80 -5.99
C HIS C 91 -4.79 4.77 -5.88
N ARG C 92 -4.12 4.80 -4.74
CA ARG C 92 -2.84 4.07 -4.62
C ARG C 92 -3.03 2.59 -4.35
N ILE C 93 -4.19 2.20 -3.79
CA ILE C 93 -4.41 0.79 -3.48
C ILE C 93 -5.00 0.03 -4.69
N ALA C 94 -4.11 -0.19 -5.66
CA ALA C 94 -4.41 -0.71 -6.98
C ALA C 94 -3.10 -0.78 -7.79
N SER C 95 -3.19 -1.36 -8.96
CA SER C 95 -2.02 -1.62 -9.84
C SER C 95 -2.37 -1.04 -11.19
N TYR C 96 -1.41 -0.34 -11.82
CA TYR C 96 -1.57 0.37 -13.06
C TYR C 96 -0.44 -0.04 -13.98
N ASN C 97 -0.76 -0.20 -15.25
CA ASN C 97 0.28 -0.19 -16.31
C ASN C 97 -0.24 0.69 -17.39
N GLU C 98 0.50 1.75 -17.67
N GLU C 98 0.53 1.70 -17.77
CA GLU C 98 0.09 2.72 -18.67
CA GLU C 98 0.06 2.70 -18.74
C GLU C 98 0.83 2.47 -19.96
C GLU C 98 0.93 2.84 -19.99
N LEU C 99 0.14 2.81 -21.02
N LEU C 99 0.31 3.15 -21.12
CA LEU C 99 0.62 2.61 -22.35
CA LEU C 99 1.01 3.50 -22.37
C LEU C 99 1.89 3.43 -22.46
C LEU C 99 2.07 4.55 -22.04
N SER C 100 3.02 2.75 -22.59
N SER C 100 3.26 4.42 -22.62
CA SER C 100 4.25 3.43 -22.84
CA SER C 100 4.29 5.44 -22.42
C SER C 100 4.59 3.06 -24.27
C SER C 100 4.60 6.32 -23.64
N GLY C 101 5.58 3.74 -24.83
N GLY C 101 4.56 7.63 -23.41
CA GLY C 101 5.97 3.47 -26.20
CA GLY C 101 4.87 8.59 -24.42
C GLY C 101 7.08 2.45 -26.28
C GLY C 101 6.37 8.77 -24.52
N ARG C 102 7.24 1.66 -25.23
N ARG C 102 7.11 8.18 -23.60
CA ARG C 102 8.31 0.67 -25.16
CA ARG C 102 8.55 8.17 -23.69
C ARG C 102 7.84 -0.73 -25.50
C ARG C 102 8.94 7.21 -24.80
N TYR C 103 6.58 -1.05 -25.19
N TYR C 103 8.19 6.12 -24.93
CA TYR C 103 6.06 -2.37 -25.51
CA TYR C 103 8.59 5.03 -25.81
C TYR C 103 4.90 -2.39 -26.50
C TYR C 103 7.84 4.94 -27.14
N SER C 104 4.43 -1.24 -26.98
N SER C 104 6.58 5.34 -27.17
CA SER C 104 3.29 -1.24 -27.90
CA SER C 104 5.80 5.16 -28.40
C SER C 104 3.23 0.08 -28.63
C SER C 104 5.35 6.48 -29.04
N LYS C 105 2.43 0.19 -29.69
N LYS C 105 5.24 6.50 -30.36
CA LYS C 105 2.42 1.44 -30.45
CA LYS C 105 4.65 7.66 -31.02
C LYS C 105 1.60 2.54 -29.75
C LYS C 105 3.16 7.75 -30.64
N LEU C 106 2.09 3.77 -29.86
N LEU C 106 2.76 8.87 -30.06
CA LEU C 106 1.36 4.90 -29.33
CA LEU C 106 1.39 9.05 -29.59
C LEU C 106 0.51 5.50 -30.44
C LEU C 106 0.37 9.33 -30.71
N SER C 107 -0.65 6.01 -30.05
N SER C 107 -0.81 8.73 -30.58
CA SER C 107 -1.51 6.76 -30.94
CA SER C 107 -1.87 8.87 -31.57
C SER C 107 -1.85 8.10 -30.27
C SER C 107 -2.57 10.22 -31.46
N TYR C 108 -2.35 9.05 -31.07
N TYR C 108 -3.10 10.67 -32.60
CA TYR C 108 -2.58 10.40 -30.56
CA TYR C 108 -3.90 11.87 -32.67
C TYR C 108 -3.97 10.91 -30.86
C TYR C 108 -5.24 11.61 -32.01
N GLU C 109 -4.80 10.90 -29.82
N GLU C 109 -5.24 11.44 -30.69
CA GLU C 109 -6.16 11.42 -29.90
CA GLU C 109 -6.51 11.31 -29.99
C GLU C 109 -6.46 12.31 -28.70
C GLU C 109 -6.58 12.18 -28.74
N PHE C 110 -7.45 13.20 -28.83
CA PHE C 110 -7.71 14.14 -27.78
C PHE C 110 -9.19 14.27 -27.43
N TYR C 111 -9.46 14.59 -26.17
CA TYR C 111 -10.82 14.86 -25.73
C TYR C 111 -11.22 16.31 -25.97
N ILE C 112 -12.21 16.49 -26.82
CA ILE C 112 -12.74 17.80 -27.17
C ILE C 112 -14.14 17.82 -26.58
N PRO C 113 -14.37 18.65 -25.58
CA PRO C 113 -15.63 18.70 -24.93
C PRO C 113 -16.69 19.08 -25.94
N SER C 114 -17.86 18.51 -25.81
CA SER C 114 -18.97 18.87 -26.64
C SER C 114 -19.57 20.19 -26.14
N PRO C 115 -20.26 20.92 -27.02
CA PRO C 115 -20.97 22.15 -26.58
C PRO C 115 -21.84 21.95 -25.32
N GLU C 116 -22.47 20.79 -25.19
CA GLU C 116 -23.36 20.52 -24.04
C GLU C 116 -22.61 20.39 -22.73
N ARG C 117 -21.29 20.20 -22.79
CA ARG C 117 -20.50 20.17 -21.57
C ARG C 117 -20.61 21.53 -20.86
N LEU C 118 -20.74 22.60 -21.63
CA LEU C 118 -20.78 23.96 -21.07
C LEU C 118 -22.15 24.55 -20.88
N GLU C 119 -23.18 23.95 -21.47
CA GLU C 119 -24.50 24.54 -21.31
C GLU C 119 -24.89 24.43 -19.82
N GLY C 120 -25.47 25.49 -19.26
CA GLY C 120 -25.57 25.62 -17.79
C GLY C 120 -24.45 26.45 -17.17
N TYR C 121 -23.57 26.98 -18.03
CA TYR C 121 -22.57 27.98 -17.65
C TYR C 121 -22.77 29.17 -18.53
N LYS C 122 -22.76 30.35 -17.94
CA LYS C 122 -22.99 31.55 -18.69
C LYS C 122 -21.66 31.88 -19.30
N THR C 123 -21.53 31.69 -20.61
CA THR C 123 -20.31 32.10 -21.29
C THR C 123 -20.58 33.30 -22.19
N THR C 124 -19.55 34.08 -22.46
CA THR C 124 -19.71 35.21 -23.35
C THR C 124 -19.45 34.84 -24.81
N ILE C 125 -19.18 33.57 -25.08
CA ILE C 125 -19.05 33.10 -26.46
C ILE C 125 -19.90 31.86 -26.59
N PRO C 126 -20.38 31.58 -27.80
CA PRO C 126 -21.13 30.34 -27.89
C PRO C 126 -20.28 29.10 -27.54
N PRO C 127 -20.96 28.07 -27.01
CA PRO C 127 -20.33 26.81 -26.66
C PRO C 127 -19.58 26.20 -27.85
N GLU C 128 -20.16 26.27 -29.03
CA GLU C 128 -19.51 25.75 -30.23
C GLU C 128 -18.18 26.43 -30.51
N ARG C 129 -18.05 27.71 -30.14
CA ARG C 129 -16.79 28.42 -30.29
C ARG C 129 -15.73 27.93 -29.29
N VAL C 130 -16.19 27.47 -28.13
CA VAL C 130 -15.28 26.92 -27.14
C VAL C 130 -14.66 25.64 -27.69
N THR C 131 -15.54 24.78 -28.19
CA THR C 131 -15.16 23.54 -28.90
C THR C 131 -14.16 23.83 -30.02
N GLU C 132 -14.49 24.81 -30.86
CA GLU C 132 -13.60 25.18 -31.93
C GLU C 132 -12.24 25.65 -31.40
N LYS C 133 -12.23 26.51 -30.39
CA LYS C 133 -10.95 26.99 -29.84
C LYS C 133 -10.12 25.89 -29.20
N ILE C 134 -10.77 24.90 -28.58
CA ILE C 134 -10.06 23.78 -28.01
C ILE C 134 -9.50 22.92 -29.14
N SER C 135 -10.35 22.62 -30.13
CA SER C 135 -9.89 21.81 -31.25
C SER C 135 -8.68 22.44 -31.98
N GLU C 136 -8.74 23.76 -32.16
CA GLU C 136 -7.70 24.51 -32.81
C GLU C 136 -6.34 24.42 -32.13
N ILE C 137 -6.30 24.60 -30.81
CA ILE C 137 -5.04 24.54 -30.06
C ILE C 137 -4.49 23.11 -30.03
N VAL C 138 -5.39 22.13 -29.93
CA VAL C 138 -5.02 20.73 -29.98
C VAL C 138 -4.32 20.42 -31.29
N ASP C 139 -4.94 20.84 -32.38
CA ASP C 139 -4.37 20.68 -33.70
C ASP C 139 -2.98 21.31 -33.85
N LYS C 140 -2.80 22.53 -33.35
CA LYS C 140 -1.48 23.20 -33.46
C LYS C 140 -0.43 22.51 -32.60
N ALA C 141 -0.84 22.07 -31.41
CA ALA C 141 0.10 21.40 -30.53
C ALA C 141 0.55 20.08 -31.16
N TYR C 142 -0.41 19.32 -31.71
CA TYR C 142 -0.10 18.01 -32.31
C TYR C 142 0.83 18.22 -33.50
N ARG C 143 0.52 19.22 -34.29
CA ARG C 143 1.35 19.59 -35.45
C ARG C 143 2.80 19.93 -35.04
N THR C 144 2.97 20.73 -33.98
CA THR C 144 4.28 21.03 -33.41
C THR C 144 4.99 19.77 -32.95
N TYR C 145 4.30 18.96 -32.18
CA TYR C 145 4.82 17.65 -31.84
C TYR C 145 5.34 16.83 -33.04
N LEU C 146 4.51 16.63 -34.07
CA LEU C 146 4.95 15.78 -35.21
C LEU C 146 6.17 16.31 -35.89
N GLU C 147 6.19 17.62 -36.04
CA GLU C 147 7.31 18.34 -36.60
C GLU C 147 8.61 18.14 -35.81
N LEU C 148 8.50 18.20 -34.49
CA LEU C 148 9.65 17.97 -33.64
C LEU C 148 10.14 16.54 -33.79
N ILE C 149 9.21 15.60 -33.85
CA ILE C 149 9.58 14.20 -34.02
C ILE C 149 10.32 14.01 -35.36
N GLU C 150 9.72 14.50 -36.43
CA GLU C 150 10.34 14.40 -37.77
C GLU C 150 11.73 15.02 -37.85
N SER C 151 12.04 15.96 -36.98
CA SER C 151 13.34 16.61 -36.92
C SER C 151 14.40 15.94 -36.06
N GLY C 152 14.09 14.79 -35.48
CA GLY C 152 15.05 14.08 -34.63
C GLY C 152 14.96 14.34 -33.15
N VAL C 153 14.00 15.17 -32.73
CA VAL C 153 13.77 15.43 -31.30
C VAL C 153 13.19 14.15 -30.70
N PRO C 154 13.84 13.60 -29.65
CA PRO C 154 13.31 12.38 -29.01
C PRO C 154 11.90 12.61 -28.47
N ARG C 155 11.06 11.58 -28.54
CA ARG C 155 9.66 11.78 -28.23
C ARG C 155 9.43 12.14 -26.77
N GLU C 156 10.26 11.66 -25.83
CA GLU C 156 10.12 12.06 -24.41
C GLU C 156 10.21 13.58 -24.20
N VAL C 157 10.90 14.31 -25.08
CA VAL C 157 10.95 15.78 -25.09
C VAL C 157 9.86 16.38 -25.99
N ALA C 158 9.67 15.85 -27.20
CA ALA C 158 8.66 16.41 -28.11
C ALA C 158 7.29 16.41 -27.49
N ARG C 159 6.96 15.35 -26.74
CA ARG C 159 5.63 15.16 -26.20
CA ARG C 159 5.60 15.19 -26.23
C ARG C 159 5.23 16.21 -25.17
N ILE C 160 6.19 17.00 -24.69
CA ILE C 160 5.86 17.91 -23.57
C ILE C 160 4.97 19.07 -24.01
N VAL C 161 4.84 19.25 -25.33
CA VAL C 161 3.93 20.29 -25.88
C VAL C 161 2.47 19.85 -25.95
N LEU C 162 2.23 18.56 -25.74
CA LEU C 162 0.91 17.98 -25.97
C LEU C 162 -0.03 18.35 -24.82
N PRO C 163 -1.30 18.67 -25.14
CA PRO C 163 -2.17 19.14 -24.07
C PRO C 163 -2.69 18.00 -23.15
N LEU C 164 -3.15 18.37 -21.97
CA LEU C 164 -3.64 17.46 -20.95
C LEU C 164 -4.91 16.68 -21.34
N ASN C 165 -5.57 17.07 -22.44
CA ASN C 165 -6.69 16.30 -22.98
C ASN C 165 -6.30 15.14 -23.90
N LEU C 166 -4.98 14.92 -24.10
CA LEU C 166 -4.44 13.77 -24.81
C LEU C 166 -4.96 12.47 -24.17
N TYR C 167 -5.46 11.56 -24.96
CA TYR C 167 -5.87 10.26 -24.44
C TYR C 167 -4.67 9.35 -24.14
N THR C 168 -4.77 8.65 -23.02
CA THR C 168 -3.85 7.57 -22.68
C THR C 168 -4.71 6.34 -22.39
N ARG C 169 -4.02 5.23 -22.22
CA ARG C 169 -4.64 3.97 -21.91
C ARG C 169 -3.88 3.26 -20.79
N PHE C 170 -4.63 2.56 -19.97
CA PHE C 170 -4.02 1.81 -18.88
C PHE C 170 -4.79 0.60 -18.50
N PHE C 171 -4.07 -0.40 -18.03
CA PHE C 171 -4.65 -1.47 -17.25
C PHE C 171 -4.69 -1.08 -15.77
N TRP C 172 -5.85 -1.39 -15.13
CA TRP C 172 -6.10 -1.10 -13.71
C TRP C 172 -6.58 -2.38 -13.04
N THR C 173 -5.80 -2.94 -12.11
CA THR C 173 -6.21 -4.08 -11.32
C THR C 173 -6.49 -3.57 -9.91
N VAL C 174 -7.67 -3.94 -9.41
CA VAL C 174 -8.15 -3.30 -8.20
C VAL C 174 -9.12 -4.25 -7.53
N ASN C 175 -9.09 -4.33 -6.19
CA ASN C 175 -9.94 -5.26 -5.47
C ASN C 175 -11.26 -4.51 -5.16
N ALA C 176 -12.29 -5.26 -4.82
CA ALA C 176 -13.66 -4.62 -4.63
C ALA C 176 -13.74 -3.62 -3.53
N ARG C 177 -13.00 -3.82 -2.45
CA ARG C 177 -12.97 -2.80 -1.41
C ARG C 177 -12.42 -1.46 -1.88
N SER C 178 -11.27 -1.55 -2.55
CA SER C 178 -10.67 -0.38 -3.10
C SER C 178 -11.54 0.25 -4.21
N LEU C 179 -12.25 -0.60 -4.97
CA LEU C 179 -13.16 -0.12 -6.00
C LEU C 179 -14.29 0.68 -5.35
N MET C 180 -14.81 0.16 -4.26
CA MET C 180 -15.84 0.89 -3.52
C MET C 180 -15.36 2.26 -2.99
N ASN C 181 -14.11 2.33 -2.52
CA ASN C 181 -13.51 3.61 -2.15
CA ASN C 181 -13.53 3.61 -2.13
C ASN C 181 -13.42 4.58 -3.33
N PHE C 182 -13.00 4.07 -4.48
CA PHE C 182 -12.94 4.82 -5.75
C PHE C 182 -14.35 5.37 -6.09
N LEU C 183 -15.34 4.54 -6.04
CA LEU C 183 -16.75 5.00 -6.30
C LEU C 183 -17.23 6.04 -5.32
N ASN C 184 -16.87 5.94 -4.04
CA ASN C 184 -17.30 6.93 -3.09
C ASN C 184 -16.84 8.33 -3.47
N LEU C 185 -15.60 8.43 -3.93
CA LEU C 185 -14.97 9.68 -4.26
C LEU C 185 -15.28 10.13 -5.67
N ARG C 186 -15.34 9.20 -6.61
CA ARG C 186 -15.49 9.56 -8.02
C ARG C 186 -16.91 9.49 -8.61
N ALA C 187 -17.72 8.58 -8.09
CA ALA C 187 -19.18 8.54 -8.47
C ALA C 187 -19.91 9.50 -7.57
N ASP C 188 -19.62 10.77 -7.80
CA ASP C 188 -20.07 11.82 -6.91
C ASP C 188 -20.02 13.19 -7.61
N SER C 189 -21.04 14.03 -7.38
CA SER C 189 -21.12 15.30 -8.10
C SER C 189 -20.00 16.32 -7.75
N HIS C 190 -19.23 16.10 -6.69
CA HIS C 190 -18.03 16.95 -6.38
C HIS C 190 -16.84 16.59 -7.24
N ALA C 191 -16.82 15.37 -7.77
CA ALA C 191 -15.73 14.96 -8.65
C ALA C 191 -15.94 15.64 -10.00
N GLN C 192 -14.91 15.70 -10.80
CA GLN C 192 -15.05 16.38 -12.08
C GLN C 192 -15.96 15.55 -12.95
N TRP C 193 -16.81 16.19 -13.73
CA TRP C 193 -17.79 15.48 -14.56
C TRP C 193 -17.21 14.35 -15.40
N GLU C 194 -16.07 14.63 -16.01
CA GLU C 194 -15.46 13.63 -16.83
C GLU C 194 -15.17 12.34 -16.08
N ILE C 195 -14.56 12.43 -14.90
CA ILE C 195 -14.23 11.19 -14.17
C ILE C 195 -15.50 10.58 -13.59
N GLN C 196 -16.51 11.40 -13.31
CA GLN C 196 -17.84 10.85 -12.98
C GLN C 196 -18.34 9.84 -14.01
N GLN C 197 -18.20 10.18 -15.27
CA GLN C 197 -18.65 9.32 -16.38
C GLN C 197 -17.93 7.99 -16.38
N TYR C 198 -16.61 8.04 -16.14
CA TYR C 198 -15.85 6.80 -15.98
C TYR C 198 -16.31 5.97 -14.78
N ALA C 199 -16.54 6.62 -13.66
CA ALA C 199 -16.93 5.91 -12.46
C ALA C 199 -18.31 5.28 -12.61
N LEU C 200 -19.21 5.89 -13.37
CA LEU C 200 -20.53 5.27 -13.63
C LEU C 200 -20.39 3.94 -14.40
N ALA C 201 -19.42 3.90 -15.33
CA ALA C 201 -19.12 2.69 -16.11
C ALA C 201 -18.47 1.60 -15.25
N ILE C 202 -17.50 2.00 -14.40
CA ILE C 202 -16.89 1.12 -13.42
C ILE C 202 -18.02 0.50 -12.56
N ALA C 203 -18.94 1.33 -12.10
CA ALA C 203 -20.04 0.86 -11.24
C ALA C 203 -20.94 -0.18 -11.94
N ARG C 204 -21.24 0.10 -13.20
CA ARG C 204 -22.10 -0.73 -14.00
C ARG C 204 -21.51 -2.12 -14.09
N ILE C 205 -20.20 -2.17 -14.35
CA ILE C 205 -19.48 -3.47 -14.42
C ILE C 205 -19.42 -4.20 -13.06
N PHE C 206 -19.15 -3.43 -12.02
CA PHE C 206 -19.07 -3.97 -10.65
C PHE C 206 -20.44 -4.55 -10.29
N LYS C 207 -21.46 -3.78 -10.55
CA LYS C 207 -22.85 -4.28 -10.28
C LYS C 207 -23.15 -5.60 -11.04
N GLU C 208 -22.74 -5.67 -12.29
CA GLU C 208 -22.97 -6.84 -13.11
C GLU C 208 -22.31 -8.08 -12.54
N LYS C 209 -21.10 -7.93 -12.07
CA LYS C 209 -20.38 -9.04 -11.54
C LYS C 209 -20.59 -9.39 -10.09
N CYS C 210 -20.92 -8.40 -9.28
CA CYS C 210 -21.04 -8.52 -7.83
C CYS C 210 -22.36 -7.83 -7.39
N PRO C 211 -23.45 -8.33 -7.88
CA PRO C 211 -24.75 -7.61 -7.60
C PRO C 211 -25.04 -7.47 -6.12
N TRP C 212 -24.77 -8.50 -5.34
CA TRP C 212 -25.14 -8.44 -3.92
C TRP C 212 -24.23 -7.44 -3.18
N THR C 213 -22.92 -7.46 -3.49
CA THR C 213 -22.02 -6.51 -2.87
C THR C 213 -22.41 -5.09 -3.27
N PHE C 214 -22.79 -4.91 -4.55
CA PHE C 214 -23.06 -3.59 -5.05
C PHE C 214 -24.31 -3.04 -4.37
N GLU C 215 -25.35 -3.87 -4.27
CA GLU C 215 -26.60 -3.41 -3.58
C GLU C 215 -26.39 -3.10 -2.11
N ALA C 216 -25.57 -3.92 -1.42
CA ALA C 216 -25.27 -3.67 -0.01
C ALA C 216 -24.43 -2.41 0.17
N PHE C 217 -23.50 -2.17 -0.75
CA PHE C 217 -22.67 -0.97 -0.78
C PHE C 217 -23.56 0.26 -0.86
N LEU C 218 -24.46 0.31 -1.83
CA LEU C 218 -25.37 1.45 -1.95
C LEU C 218 -26.26 1.64 -0.73
N LYS C 219 -26.68 0.54 -0.13
CA LYS C 219 -27.56 0.60 1.03
C LYS C 219 -26.87 1.12 2.28
N TYR C 220 -25.63 0.69 2.51
CA TYR C 220 -24.98 0.91 3.81
C TYR C 220 -23.69 1.71 3.84
N ALA C 221 -22.95 1.77 2.75
CA ALA C 221 -21.61 2.29 2.82
C ALA C 221 -21.31 3.40 1.83
N TYR C 222 -22.01 3.43 0.69
CA TYR C 222 -21.71 4.43 -0.34
C TYR C 222 -21.96 5.86 0.11
N LYS C 223 -20.96 6.69 -0.09
CA LYS C 223 -20.93 8.09 0.38
C LYS C 223 -21.29 9.14 -0.65
N GLY C 224 -21.49 8.75 -1.90
CA GLY C 224 -21.68 9.70 -2.95
C GLY C 224 -23.14 9.97 -3.22
N ASP C 225 -23.43 10.79 -4.24
CA ASP C 225 -24.82 11.08 -4.52
C ASP C 225 -25.33 10.32 -5.77
N ILE C 226 -24.52 10.28 -6.83
CA ILE C 226 -25.04 9.87 -8.13
C ILE C 226 -25.54 8.42 -8.31
N LEU C 227 -24.93 7.41 -7.66
CA LEU C 227 -25.35 6.05 -7.91
C LEU C 227 -26.73 5.78 -7.33
N LYS C 228 -27.22 6.62 -6.44
CA LYS C 228 -28.57 6.38 -5.90
C LYS C 228 -29.62 7.04 -6.79
N GLU C 229 -29.18 7.88 -7.71
CA GLU C 229 -30.08 8.65 -8.62
C GLU C 229 -30.17 8.00 -10.00
N VAL C 230 -29.11 7.30 -10.39
CA VAL C 230 -28.91 6.94 -11.75
C VAL C 230 -28.79 5.45 -11.81
N GLN C 231 -29.78 4.82 -12.40
CA GLN C 231 -29.74 3.41 -12.67
C GLN C 231 -28.38 3.01 -13.28
N VAL C 232 -27.84 1.93 -12.68
CA VAL C 232 -26.60 1.18 -12.97
C VAL C 232 -25.22 1.80 -12.71
N MET D 13 -6.16 -27.84 -5.84
CA MET D 13 -4.72 -28.04 -5.61
C MET D 13 -4.44 -27.77 -4.15
N LYS D 14 -4.04 -28.82 -3.44
CA LYS D 14 -3.78 -28.77 -2.00
C LYS D 14 -2.46 -29.47 -1.66
N ILE D 15 -1.72 -28.89 -0.74
CA ILE D 15 -0.45 -29.45 -0.34
C ILE D 15 -0.41 -29.47 1.20
N ASP D 16 -0.08 -30.62 1.80
CA ASP D 16 -0.14 -30.73 3.27
C ASP D 16 1.22 -30.26 3.78
N ILE D 17 1.28 -29.55 4.90
CA ILE D 17 2.54 -28.99 5.42
C ILE D 17 2.53 -29.28 6.90
N LEU D 18 3.70 -29.59 7.46
CA LEU D 18 3.83 -29.89 8.89
C LEU D 18 2.98 -31.09 9.21
N ASP D 19 2.57 -31.27 10.45
CA ASP D 19 1.76 -32.41 10.83
C ASP D 19 0.28 -32.32 10.46
N LYS D 20 -0.31 -31.12 10.52
CA LYS D 20 -1.73 -30.89 10.31
C LYS D 20 -2.02 -29.68 9.41
N GLY D 21 -0.99 -29.10 8.83
CA GLY D 21 -1.12 -27.89 8.05
C GLY D 21 -1.47 -28.15 6.60
N PHE D 22 -1.74 -27.07 5.87
CA PHE D 22 -1.92 -27.17 4.43
C PHE D 22 -1.87 -25.81 3.80
N VAL D 23 -1.71 -25.84 2.48
CA VAL D 23 -1.90 -24.70 1.59
C VAL D 23 -2.77 -25.22 0.46
N GLU D 24 -3.89 -24.54 0.18
CA GLU D 24 -4.71 -24.90 -0.94
C GLU D 24 -5.08 -23.69 -1.80
N LEU D 25 -5.15 -23.92 -3.10
CA LEU D 25 -5.44 -22.87 -4.02
C LEU D 25 -6.97 -22.69 -4.07
N VAL D 26 -7.44 -21.48 -3.80
CA VAL D 26 -8.87 -21.23 -3.78
C VAL D 26 -9.30 -20.66 -5.14
N ASP D 27 -8.56 -19.68 -5.64
CA ASP D 27 -8.82 -19.05 -6.92
C ASP D 27 -7.55 -18.39 -7.48
N VAL D 28 -7.62 -18.09 -8.77
CA VAL D 28 -6.54 -17.41 -9.46
C VAL D 28 -7.13 -16.57 -10.57
N MET D 29 -6.69 -15.34 -10.69
CA MET D 29 -7.02 -14.51 -11.82
C MET D 29 -5.76 -14.45 -12.68
N GLY D 30 -5.87 -14.92 -13.90
CA GLY D 30 -4.86 -14.66 -14.88
C GLY D 30 -3.87 -15.79 -14.99
N ASN D 31 -2.87 -15.58 -15.83
CA ASN D 31 -1.80 -16.55 -16.07
C ASN D 31 -0.62 -15.72 -16.60
N ASP D 32 0.41 -16.37 -17.14
CA ASP D 32 1.56 -15.60 -17.69
C ASP D 32 1.15 -14.50 -18.67
N LEU D 33 0.14 -14.75 -19.52
CA LEU D 33 -0.28 -13.82 -20.57
C LEU D 33 -0.98 -12.55 -20.04
N SER D 34 -1.48 -12.64 -18.82
CA SER D 34 -1.98 -11.45 -18.14
C SER D 34 -0.91 -10.40 -17.88
N ALA D 35 0.33 -10.83 -17.63
CA ALA D 35 1.45 -9.90 -17.44
C ALA D 35 1.83 -9.31 -18.76
N VAL D 36 1.83 -10.15 -19.77
CA VAL D 36 2.10 -9.73 -21.13
C VAL D 36 1.09 -8.70 -21.62
N ARG D 37 -0.20 -8.98 -21.44
CA ARG D 37 -1.24 -8.05 -21.85
C ARG D 37 -1.15 -6.71 -21.11
N ALA D 38 -0.81 -6.76 -19.81
CA ALA D 38 -0.68 -5.51 -19.03
C ALA D 38 0.48 -4.69 -19.47
N ALA D 39 1.60 -5.35 -19.74
CA ALA D 39 2.81 -4.67 -20.14
C ALA D 39 2.62 -3.94 -21.50
N ARG D 40 1.91 -4.59 -22.41
CA ARG D 40 1.61 -4.00 -23.72
C ARG D 40 0.37 -3.10 -23.68
N VAL D 41 -0.37 -3.17 -22.59
CA VAL D 41 -1.67 -2.48 -22.47
C VAL D 41 -2.60 -2.84 -23.66
N SER D 42 -2.78 -4.14 -23.91
CA SER D 42 -3.58 -4.58 -25.05
C SER D 42 -4.47 -5.74 -24.66
N PHE D 43 -5.80 -5.55 -24.75
CA PHE D 43 -6.72 -6.67 -24.46
C PHE D 43 -6.65 -7.73 -25.58
N ASP D 44 -6.45 -7.30 -26.82
CA ASP D 44 -6.08 -8.23 -27.90
C ASP D 44 -4.55 -8.43 -27.94
N LYS D 48 -1.29 -16.21 -31.79
CA LYS D 48 -0.33 -15.62 -30.87
C LYS D 48 1.04 -16.29 -30.96
N ASP D 49 1.99 -15.82 -30.16
CA ASP D 49 3.40 -16.15 -30.35
C ASP D 49 4.09 -16.39 -28.99
N GLU D 50 4.14 -17.66 -28.62
CA GLU D 50 4.88 -18.19 -27.46
C GLU D 50 6.28 -17.59 -27.31
N GLU D 51 7.07 -17.69 -28.36
CA GLU D 51 8.44 -17.20 -28.35
C GLU D 51 8.53 -15.73 -27.94
N ARG D 52 7.77 -14.85 -28.60
CA ARG D 52 7.87 -13.42 -28.31
C ARG D 52 7.27 -13.07 -26.95
N ASP D 53 6.21 -13.78 -26.57
CA ASP D 53 5.58 -13.49 -25.26
C ASP D 53 6.51 -13.93 -24.12
N ARG D 54 7.08 -15.14 -24.21
CA ARG D 54 8.07 -15.58 -23.20
C ARG D 54 9.25 -14.64 -23.11
N HIS D 55 9.68 -14.17 -24.25
CA HIS D 55 10.82 -13.27 -24.29
C HIS D 55 10.50 -11.97 -23.54
N LEU D 56 9.27 -11.48 -23.69
CA LEU D 56 8.89 -10.28 -22.98
C LEU D 56 8.92 -10.52 -21.47
N ILE D 57 8.48 -11.70 -21.05
CA ILE D 57 8.40 -12.07 -19.61
C ILE D 57 9.80 -12.09 -19.02
N GLU D 58 10.71 -12.75 -19.74
CA GLU D 58 12.11 -12.68 -19.36
C GLU D 58 12.65 -11.25 -19.38
N TYR D 59 12.33 -10.49 -20.41
CA TYR D 59 12.82 -9.10 -20.49
C TYR D 59 12.36 -8.24 -19.26
N LEU D 60 11.07 -8.34 -18.96
CA LEU D 60 10.54 -7.66 -17.76
C LEU D 60 11.27 -8.07 -16.48
N MET D 61 11.43 -9.36 -16.27
CA MET D 61 11.99 -9.87 -15.05
C MET D 61 13.47 -9.43 -14.93
N LYS D 62 14.20 -9.49 -16.02
CA LYS D 62 15.64 -9.19 -15.90
C LYS D 62 15.87 -7.70 -15.67
N HIS D 63 14.99 -6.84 -16.18
CA HIS D 63 15.17 -5.40 -15.95
C HIS D 63 14.48 -4.85 -14.74
N GLY D 64 13.85 -5.71 -13.95
CA GLY D 64 13.27 -5.27 -12.71
C GLY D 64 11.93 -4.57 -12.94
N ASP D 65 11.30 -4.73 -14.10
CA ASP D 65 9.97 -4.10 -14.33
C ASP D 65 8.90 -5.12 -13.90
N GLU D 66 8.53 -5.05 -12.65
CA GLU D 66 7.68 -6.07 -12.06
C GLU D 66 6.21 -5.68 -12.00
N THR D 67 5.89 -4.47 -12.40
CA THR D 67 4.51 -4.00 -12.26
C THR D 67 3.51 -4.88 -13.08
N PRO D 68 3.91 -5.36 -14.27
CA PRO D 68 2.98 -6.19 -15.01
C PRO D 68 2.53 -7.46 -14.29
N PHE D 69 3.38 -7.98 -13.41
CA PHE D 69 3.04 -9.17 -12.65
C PHE D 69 2.01 -8.92 -11.53
N GLU D 70 1.73 -7.66 -11.26
CA GLU D 70 0.65 -7.31 -10.30
C GLU D 70 -0.76 -7.64 -10.81
N HIS D 71 -0.87 -7.92 -12.09
CA HIS D 71 -2.16 -8.20 -12.72
C HIS D 71 -2.50 -9.71 -12.70
N ILE D 72 -1.64 -10.51 -12.08
CA ILE D 72 -1.93 -11.91 -11.82
C ILE D 72 -2.18 -11.98 -10.31
N VAL D 73 -3.27 -12.61 -9.89
CA VAL D 73 -3.65 -12.60 -8.50
C VAL D 73 -4.08 -14.00 -8.10
N PHE D 74 -3.74 -14.38 -6.88
CA PHE D 74 -4.05 -15.67 -6.30
C PHE D 74 -4.83 -15.50 -5.02
N THR D 75 -5.71 -16.46 -4.72
CA THR D 75 -6.23 -16.62 -3.37
C THR D 75 -5.90 -18.01 -2.86
N PHE D 76 -5.21 -18.06 -1.74
CA PHE D 76 -4.91 -19.30 -1.07
C PHE D 76 -5.65 -19.42 0.22
N HIS D 77 -5.89 -20.64 0.63
CA HIS D 77 -6.38 -20.97 1.93
C HIS D 77 -5.31 -21.75 2.67
N VAL D 78 -4.92 -21.23 3.80
CA VAL D 78 -3.71 -21.72 4.53
C VAL D 78 -4.04 -22.10 5.96
N LYS D 79 -3.59 -23.28 6.40
CA LYS D 79 -3.69 -23.71 7.80
C LYS D 79 -2.29 -23.81 8.37
N ALA D 80 -2.02 -22.98 9.36
CA ALA D 80 -0.69 -22.84 9.85
C ALA D 80 -0.70 -22.47 11.31
N PRO D 81 0.35 -22.82 12.01
CA PRO D 81 0.45 -22.46 13.42
C PRO D 81 0.60 -20.96 13.55
N ILE D 82 0.14 -20.41 14.69
CA ILE D 82 0.19 -19.00 14.94
C ILE D 82 1.61 -18.40 14.77
N PHE D 83 2.65 -19.05 15.29
CA PHE D 83 3.99 -18.43 15.14
C PHE D 83 4.38 -18.31 13.64
N VAL D 84 3.89 -19.18 12.79
CA VAL D 84 4.10 -19.05 11.32
C VAL D 84 3.26 -17.92 10.74
N ALA D 85 1.97 -17.89 11.09
CA ALA D 85 1.13 -16.83 10.69
C ALA D 85 1.61 -15.44 11.10
N ARG D 86 2.18 -15.27 12.30
N ARG D 86 2.17 -15.34 12.32
CA ARG D 86 2.70 -13.96 12.64
CA ARG D 86 2.85 -14.15 12.84
C ARG D 86 3.79 -13.51 11.69
C ARG D 86 3.93 -13.54 11.94
N GLN D 87 4.71 -14.41 11.32
CA GLN D 87 5.68 -14.03 10.35
C GLN D 87 5.05 -13.71 8.99
N TRP D 88 4.10 -14.56 8.58
CA TRP D 88 3.48 -14.43 7.23
C TRP D 88 2.72 -13.10 7.08
N PHE D 89 1.99 -12.73 8.13
CA PHE D 89 1.14 -11.53 8.14
C PHE D 89 1.91 -10.22 8.14
N ARG D 90 3.25 -10.30 8.24
CA ARG D 90 4.06 -9.13 8.12
C ARG D 90 4.17 -8.70 6.65
N HIS D 91 3.81 -9.56 5.71
CA HIS D 91 3.70 -9.21 4.31
C HIS D 91 2.49 -8.34 4.06
N ARG D 92 2.72 -7.03 3.99
CA ARG D 92 1.62 -6.06 4.04
C ARG D 92 0.89 -5.91 2.70
N ILE D 93 1.56 -6.21 1.63
CA ILE D 93 0.98 -6.02 0.31
C ILE D 93 0.22 -7.27 -0.16
N ALA D 94 -0.96 -7.45 0.48
CA ALA D 94 -1.76 -8.64 0.40
C ALA D 94 -3.00 -8.41 1.29
N SER D 95 -3.97 -9.31 1.16
CA SER D 95 -5.25 -9.24 1.94
C SER D 95 -5.37 -10.55 2.68
N TYR D 96 -5.73 -10.48 3.94
CA TYR D 96 -5.84 -11.60 4.86
C TYR D 96 -7.25 -11.60 5.50
N ASN D 97 -7.83 -12.79 5.59
CA ASN D 97 -8.92 -12.99 6.49
C ASN D 97 -8.66 -14.25 7.31
N GLU D 98 -8.63 -14.07 8.64
CA GLU D 98 -8.26 -15.13 9.57
C GLU D 98 -9.50 -15.63 10.24
N LEU D 99 -9.44 -16.91 10.60
CA LEU D 99 -10.60 -17.61 11.14
C LEU D 99 -10.97 -16.92 12.35
N SER D 100 -12.23 -16.51 12.40
CA SER D 100 -12.75 -15.94 13.58
C SER D 100 -14.07 -16.64 13.94
N GLY D 101 -14.22 -16.80 15.23
CA GLY D 101 -15.39 -17.46 15.78
C GLY D 101 -16.66 -16.70 15.44
N ARG D 102 -16.59 -15.47 14.95
CA ARG D 102 -17.81 -14.70 14.68
C ARG D 102 -18.60 -15.25 13.49
N TYR D 103 -17.86 -15.78 12.49
CA TYR D 103 -18.48 -16.24 11.26
C TYR D 103 -18.39 -17.73 11.05
N SER D 104 -17.59 -18.44 11.85
CA SER D 104 -17.45 -19.88 11.65
C SER D 104 -16.92 -20.62 12.87
N LYS D 105 -16.96 -21.96 12.83
CA LYS D 105 -16.61 -22.76 13.99
C LYS D 105 -15.08 -22.84 14.10
N LEU D 106 -14.61 -22.74 15.33
CA LEU D 106 -13.18 -22.84 15.66
C LEU D 106 -12.90 -24.29 15.99
N SER D 107 -11.70 -24.73 15.70
CA SER D 107 -11.23 -26.01 16.22
C SER D 107 -9.84 -25.78 16.85
N TYR D 108 -9.35 -26.77 17.56
CA TYR D 108 -8.11 -26.59 18.35
C TYR D 108 -7.19 -27.74 18.11
N GLU D 109 -6.19 -27.50 17.28
CA GLU D 109 -5.10 -28.45 16.98
C GLU D 109 -3.78 -27.70 17.07
N PHE D 110 -2.67 -28.45 17.25
CA PHE D 110 -1.40 -27.86 17.56
C PHE D 110 -0.29 -28.54 16.76
N TYR D 111 0.70 -27.77 16.39
CA TYR D 111 1.80 -28.30 15.64
C TYR D 111 2.76 -28.89 16.64
N ILE D 112 2.90 -30.19 16.55
CA ILE D 112 3.94 -30.90 17.31
C ILE D 112 5.11 -31.28 16.36
N PRO D 113 6.30 -30.71 16.54
CA PRO D 113 7.44 -31.01 15.66
C PRO D 113 7.80 -32.52 15.64
N SER D 114 8.28 -33.00 14.50
CA SER D 114 8.79 -34.36 14.41
C SER D 114 10.19 -34.39 14.99
N PRO D 115 10.65 -35.55 15.51
CA PRO D 115 11.97 -35.56 16.11
C PRO D 115 13.07 -35.11 15.13
N GLU D 116 12.85 -35.36 13.83
CA GLU D 116 13.82 -34.99 12.77
C GLU D 116 14.05 -33.48 12.70
N ARG D 117 13.13 -32.69 13.25
CA ARG D 117 13.25 -31.25 13.20
C ARG D 117 14.45 -30.80 14.02
N LEU D 118 14.90 -31.60 14.97
CA LEU D 118 16.10 -31.28 15.75
C LEU D 118 17.40 -31.86 15.19
N GLU D 119 17.38 -32.53 14.06
CA GLU D 119 18.59 -33.18 13.54
C GLU D 119 19.62 -32.11 13.19
N GLY D 120 20.86 -32.32 13.59
CA GLY D 120 21.88 -31.31 13.41
C GLY D 120 22.07 -30.46 14.65
N TYR D 121 21.21 -30.65 15.66
CA TYR D 121 21.38 -29.98 16.93
C TYR D 121 21.79 -31.06 17.87
N LYS D 122 22.81 -30.80 18.65
CA LYS D 122 23.24 -31.74 19.65
C LYS D 122 22.47 -31.34 20.91
N THR D 123 21.46 -32.11 21.30
CA THR D 123 20.67 -31.72 22.46
C THR D 123 20.86 -32.65 23.65
N THR D 124 20.84 -32.08 24.86
CA THR D 124 20.85 -32.76 26.17
C THR D 124 19.85 -33.89 26.24
N ILE D 125 18.64 -33.69 25.72
CA ILE D 125 17.63 -34.74 25.80
C ILE D 125 17.28 -35.20 24.39
N PRO D 126 16.85 -36.45 24.27
CA PRO D 126 16.62 -36.94 22.90
C PRO D 126 15.55 -36.09 22.19
N PRO D 127 15.70 -35.94 20.87
CA PRO D 127 14.68 -35.23 20.10
C PRO D 127 13.26 -35.76 20.31
N GLU D 128 13.10 -37.06 20.50
CA GLU D 128 11.77 -37.67 20.75
C GLU D 128 11.17 -37.18 22.09
N ARG D 129 12.04 -36.89 23.05
CA ARG D 129 11.65 -36.34 24.32
C ARG D 129 11.32 -34.83 24.25
N VAL D 130 11.99 -34.11 23.36
CA VAL D 130 11.65 -32.71 23.08
C VAL D 130 10.22 -32.64 22.59
N THR D 131 9.92 -33.45 21.57
CA THR D 131 8.62 -33.61 20.99
C THR D 131 7.58 -33.87 22.06
N GLU D 132 7.88 -34.82 22.94
CA GLU D 132 6.99 -35.17 24.04
C GLU D 132 6.74 -34.00 24.97
N LYS D 133 7.79 -33.29 25.34
CA LYS D 133 7.62 -32.14 26.26
C LYS D 133 6.72 -31.04 25.65
N ILE D 134 6.83 -30.89 24.33
CA ILE D 134 5.98 -29.95 23.61
C ILE D 134 4.52 -30.42 23.65
N SER D 135 4.26 -31.70 23.35
CA SER D 135 2.87 -32.23 23.43
C SER D 135 2.28 -32.07 24.83
N GLU D 136 3.10 -32.33 25.84
CA GLU D 136 2.69 -32.19 27.26
C GLU D 136 2.18 -30.80 27.59
N ILE D 137 2.94 -29.77 27.26
CA ILE D 137 2.45 -28.41 27.49
C ILE D 137 1.20 -28.05 26.73
N VAL D 138 1.14 -28.46 25.45
CA VAL D 138 -0.07 -28.26 24.62
C VAL D 138 -1.26 -28.86 25.32
N ASP D 139 -1.08 -30.09 25.76
CA ASP D 139 -2.13 -30.78 26.44
C ASP D 139 -2.60 -30.03 27.72
N LYS D 140 -1.66 -29.62 28.54
CA LYS D 140 -2.05 -28.95 29.78
C LYS D 140 -2.63 -27.57 29.57
N ALA D 141 -2.06 -26.82 28.62
CA ALA D 141 -2.61 -25.51 28.26
C ALA D 141 -4.03 -25.61 27.71
N TYR D 142 -4.24 -26.55 26.79
CA TYR D 142 -5.57 -26.79 26.24
C TYR D 142 -6.55 -27.20 27.31
N ARG D 143 -6.10 -28.05 28.23
CA ARG D 143 -6.96 -28.47 29.35
C ARG D 143 -7.30 -27.28 30.27
N THR D 144 -6.36 -26.37 30.47
CA THR D 144 -6.63 -25.17 31.29
C THR D 144 -7.61 -24.26 30.58
N TYR D 145 -7.42 -24.09 29.28
CA TYR D 145 -8.37 -23.33 28.46
C TYR D 145 -9.80 -23.87 28.60
N LEU D 146 -9.97 -25.18 28.42
CA LEU D 146 -11.31 -25.78 28.57
C LEU D 146 -11.84 -25.65 29.98
N GLU D 147 -11.01 -25.85 31.00
CA GLU D 147 -11.49 -25.59 32.37
C GLU D 147 -11.99 -24.16 32.55
N LEU D 148 -11.27 -23.18 31.97
CA LEU D 148 -11.69 -21.76 32.09
C LEU D 148 -13.03 -21.49 31.42
N ILE D 149 -13.19 -22.00 30.21
CA ILE D 149 -14.39 -21.85 29.40
C ILE D 149 -15.57 -22.44 30.15
N GLU D 150 -15.39 -23.61 30.76
CA GLU D 150 -16.47 -24.30 31.43
C GLU D 150 -16.85 -23.59 32.71
N SER D 151 -15.91 -22.87 33.30
CA SER D 151 -16.20 -22.11 34.49
C SER D 151 -16.81 -20.74 34.19
N GLY D 152 -17.07 -20.43 32.92
CA GLY D 152 -17.66 -19.15 32.53
C GLY D 152 -16.71 -18.04 32.14
N VAL D 153 -15.42 -18.33 32.01
CA VAL D 153 -14.51 -17.31 31.52
C VAL D 153 -14.74 -17.10 30.04
N PRO D 154 -14.88 -15.83 29.59
CA PRO D 154 -15.05 -15.64 28.16
C PRO D 154 -13.88 -16.15 27.37
N ARG D 155 -14.20 -16.62 26.18
CA ARG D 155 -13.29 -17.23 25.28
C ARG D 155 -12.09 -16.34 24.95
N GLU D 156 -12.38 -15.06 24.77
CA GLU D 156 -11.35 -14.11 24.40
C GLU D 156 -10.32 -13.93 25.52
N VAL D 157 -10.69 -14.26 26.75
CA VAL D 157 -9.75 -14.24 27.85
C VAL D 157 -9.14 -15.63 28.00
N ALA D 158 -9.98 -16.66 27.98
CA ALA D 158 -9.49 -18.04 28.20
C ALA D 158 -8.39 -18.43 27.23
N ARG D 159 -8.51 -18.00 25.97
CA ARG D 159 -7.58 -18.42 24.89
C ARG D 159 -6.18 -17.89 25.07
N ILE D 160 -5.95 -16.91 25.96
CA ILE D 160 -4.61 -16.32 26.06
C ILE D 160 -3.60 -17.28 26.65
N VAL D 161 -4.07 -18.37 27.27
CA VAL D 161 -3.13 -19.41 27.74
C VAL D 161 -2.69 -20.40 26.67
N LEU D 162 -3.29 -20.36 25.48
CA LEU D 162 -2.96 -21.35 24.44
C LEU D 162 -1.59 -21.00 23.82
N PRO D 163 -0.77 -22.02 23.51
CA PRO D 163 0.58 -21.83 22.99
C PRO D 163 0.57 -21.39 21.51
N LEU D 164 1.67 -20.79 21.13
CA LEU D 164 1.92 -20.27 19.80
C LEU D 164 1.92 -21.31 18.68
N ASN D 165 1.94 -22.60 19.01
CA ASN D 165 1.82 -23.64 18.00
C ASN D 165 0.38 -24.00 17.69
N LEU D 166 -0.56 -23.28 18.28
CA LEU D 166 -1.96 -23.49 17.94
C LEU D 166 -2.19 -23.20 16.44
N TYR D 167 -2.82 -24.10 15.70
CA TYR D 167 -3.15 -23.83 14.27
C TYR D 167 -4.26 -22.81 14.10
N THR D 168 -4.09 -21.92 13.14
CA THR D 168 -5.11 -21.01 12.68
C THR D 168 -5.29 -21.25 11.16
N ARG D 169 -6.31 -20.64 10.59
CA ARG D 169 -6.54 -20.69 9.15
C ARG D 169 -6.83 -19.27 8.68
N PHE D 170 -6.45 -19.03 7.44
CA PHE D 170 -6.63 -17.79 6.77
C PHE D 170 -6.73 -17.90 5.28
N PHE D 171 -7.46 -16.96 4.67
CA PHE D 171 -7.42 -16.73 3.24
C PHE D 171 -6.40 -15.59 3.03
N TRP D 172 -5.60 -15.78 1.98
CA TRP D 172 -4.56 -14.87 1.55
C TRP D 172 -4.72 -14.58 0.07
N THR D 173 -5.03 -13.33 -0.26
CA THR D 173 -5.12 -12.89 -1.67
C THR D 173 -3.94 -11.96 -1.93
N VAL D 174 -3.17 -12.32 -2.95
CA VAL D 174 -1.86 -11.77 -3.19
C VAL D 174 -1.54 -11.75 -4.67
N ASN D 175 -0.97 -10.66 -5.15
CA ASN D 175 -0.63 -10.60 -6.54
C ASN D 175 0.75 -11.22 -6.73
N ALA D 176 1.08 -11.54 -8.00
CA ALA D 176 2.30 -12.30 -8.26
C ALA D 176 3.58 -11.59 -7.95
N ARG D 177 3.58 -10.28 -8.10
CA ARG D 177 4.70 -9.48 -7.64
C ARG D 177 4.96 -9.61 -6.14
N SER D 178 3.93 -9.42 -5.33
CA SER D 178 4.04 -9.50 -3.90
C SER D 178 4.33 -10.98 -3.53
N LEU D 179 3.84 -11.91 -4.32
CA LEU D 179 4.11 -13.32 -4.08
C LEU D 179 5.61 -13.61 -4.30
N MET D 180 6.18 -13.00 -5.32
CA MET D 180 7.64 -13.13 -5.60
C MET D 180 8.46 -12.52 -4.47
N ASN D 181 8.05 -11.36 -3.94
CA ASN D 181 8.69 -10.78 -2.76
C ASN D 181 8.67 -11.75 -1.58
N PHE D 182 7.50 -12.36 -1.35
CA PHE D 182 7.33 -13.30 -0.28
C PHE D 182 8.26 -14.45 -0.41
N LEU D 183 8.35 -15.05 -1.61
CA LEU D 183 9.28 -16.14 -1.87
C LEU D 183 10.75 -15.77 -1.71
N ASN D 184 11.13 -14.58 -2.11
CA ASN D 184 12.48 -14.07 -1.80
C ASN D 184 12.87 -14.12 -0.35
N LEU D 185 11.94 -13.84 0.54
CA LEU D 185 12.22 -13.77 1.96
C LEU D 185 12.01 -15.12 2.68
N ARG D 186 11.00 -15.86 2.25
CA ARG D 186 10.61 -17.02 3.01
C ARG D 186 11.04 -18.31 2.36
N ALA D 187 11.20 -18.36 1.05
CA ALA D 187 11.78 -19.55 0.41
C ALA D 187 13.29 -19.38 0.41
N ASP D 188 13.82 -19.40 1.63
CA ASP D 188 15.23 -19.08 1.92
C ASP D 188 15.67 -19.76 3.23
N SER D 189 16.93 -20.18 3.33
CA SER D 189 17.38 -20.90 4.52
C SER D 189 17.46 -20.04 5.79
N HIS D 190 17.48 -18.70 5.67
CA HIS D 190 17.50 -17.82 6.85
C HIS D 190 16.15 -17.70 7.46
N ALA D 191 15.11 -18.05 6.71
CA ALA D 191 13.73 -17.99 7.25
C ALA D 191 13.54 -19.20 8.15
N GLN D 192 12.57 -19.16 9.08
CA GLN D 192 12.42 -20.28 9.98
C GLN D 192 12.01 -21.48 9.12
N TRP D 193 12.54 -22.66 9.43
CA TRP D 193 12.20 -23.89 8.70
C TRP D 193 10.68 -24.05 8.41
N GLU D 194 9.86 -23.89 9.45
CA GLU D 194 8.44 -24.09 9.29
C GLU D 194 7.82 -23.22 8.18
N ILE D 195 8.16 -21.94 8.13
CA ILE D 195 7.65 -21.12 7.03
C ILE D 195 8.29 -21.37 5.71
N GLN D 196 9.53 -21.88 5.68
CA GLN D 196 10.10 -22.31 4.40
C GLN D 196 9.23 -23.37 3.74
N GLN D 197 8.72 -24.29 4.56
CA GLN D 197 7.90 -25.41 4.07
CA GLN D 197 7.96 -25.40 4.03
C GLN D 197 6.66 -24.87 3.37
N TYR D 198 6.04 -23.88 3.99
CA TYR D 198 4.86 -23.25 3.40
C TYR D 198 5.23 -22.49 2.14
N ALA D 199 6.37 -21.78 2.15
CA ALA D 199 6.85 -21.04 0.99
C ALA D 199 7.13 -21.99 -0.21
N LEU D 200 7.63 -23.21 0.05
CA LEU D 200 7.85 -24.18 -1.03
C LEU D 200 6.53 -24.58 -1.67
N ALA D 201 5.49 -24.77 -0.88
CA ALA D 201 4.15 -25.09 -1.40
C ALA D 201 3.57 -23.91 -2.24
N ILE D 202 3.69 -22.69 -1.73
CA ILE D 202 3.27 -21.51 -2.47
C ILE D 202 3.96 -21.44 -3.84
N ALA D 203 5.27 -21.67 -3.82
CA ALA D 203 6.07 -21.72 -4.99
C ALA D 203 5.60 -22.75 -6.00
N ARG D 204 5.28 -23.95 -5.51
CA ARG D 204 4.85 -25.02 -6.39
C ARG D 204 3.54 -24.65 -7.10
N ILE D 205 2.61 -24.07 -6.35
CA ILE D 205 1.34 -23.63 -6.95
C ILE D 205 1.55 -22.47 -7.94
N PHE D 206 2.41 -21.51 -7.56
CA PHE D 206 2.79 -20.41 -8.45
C PHE D 206 3.37 -20.91 -9.81
N LYS D 207 4.27 -21.85 -9.70
CA LYS D 207 4.89 -22.50 -10.88
C LYS D 207 3.87 -23.19 -11.77
N GLU D 208 2.99 -24.01 -11.18
CA GLU D 208 1.90 -24.64 -11.90
C GLU D 208 1.05 -23.64 -12.69
N LYS D 209 0.69 -22.51 -12.09
CA LYS D 209 -0.23 -21.56 -12.74
C LYS D 209 0.43 -20.55 -13.67
N CYS D 210 1.67 -20.19 -13.34
CA CYS D 210 2.46 -19.23 -14.13
C CYS D 210 3.89 -19.80 -14.40
N PRO D 211 3.99 -20.86 -15.19
CA PRO D 211 5.33 -21.44 -15.44
C PRO D 211 6.35 -20.44 -16.02
N TRP D 212 5.94 -19.64 -16.99
CA TRP D 212 6.92 -18.77 -17.61
C TRP D 212 7.42 -17.73 -16.62
N THR D 213 6.50 -17.09 -15.93
CA THR D 213 6.87 -16.15 -14.86
C THR D 213 7.75 -16.83 -13.82
N PHE D 214 7.37 -18.01 -13.38
CA PHE D 214 8.09 -18.65 -12.31
C PHE D 214 9.55 -18.94 -12.79
N GLU D 215 9.64 -19.45 -13.98
CA GLU D 215 10.94 -19.72 -14.56
C GLU D 215 11.84 -18.49 -14.68
N ALA D 216 11.31 -17.39 -15.24
CA ALA D 216 12.08 -16.14 -15.31
C ALA D 216 12.45 -15.57 -13.90
N PHE D 217 11.51 -15.66 -12.98
CA PHE D 217 11.82 -15.33 -11.58
C PHE D 217 13.04 -16.12 -11.06
N LEU D 218 13.03 -17.45 -11.19
CA LEU D 218 14.20 -18.23 -10.66
C LEU D 218 15.48 -17.79 -11.34
N LYS D 219 15.37 -17.56 -12.63
CA LYS D 219 16.58 -17.31 -13.41
C LYS D 219 17.17 -15.93 -13.15
N TYR D 220 16.31 -14.93 -12.95
CA TYR D 220 16.80 -13.55 -12.97
C TYR D 220 16.62 -12.76 -11.73
N ALA D 221 15.54 -13.00 -10.98
CA ALA D 221 15.15 -12.12 -9.86
C ALA D 221 15.13 -12.76 -8.48
N TYR D 222 14.96 -14.09 -8.39
CA TYR D 222 14.82 -14.75 -7.08
C TYR D 222 16.11 -14.64 -6.27
N LYS D 223 15.98 -14.13 -5.05
CA LYS D 223 17.11 -13.83 -4.18
C LYS D 223 17.43 -14.93 -3.18
N GLY D 224 16.54 -15.91 -3.04
CA GLY D 224 16.68 -16.94 -2.06
C GLY D 224 17.57 -18.09 -2.50
N ASP D 225 17.76 -19.05 -1.61
CA ASP D 225 18.56 -20.24 -1.97
C ASP D 225 17.72 -21.50 -2.30
N ILE D 226 16.69 -21.81 -1.50
CA ILE D 226 16.13 -23.16 -1.50
C ILE D 226 15.37 -23.60 -2.74
N LEU D 227 14.78 -22.67 -3.47
CA LEU D 227 14.06 -23.04 -4.69
C LEU D 227 15.02 -23.50 -5.83
N LYS D 228 16.32 -23.23 -5.71
CA LYS D 228 17.25 -23.75 -6.70
C LYS D 228 17.85 -25.10 -6.29
N GLU D 229 17.46 -25.59 -5.11
CA GLU D 229 18.08 -26.76 -4.48
C GLU D 229 17.04 -27.87 -4.44
#